data_7REW
#
_entry.id   7REW
#
_cell.length_a   57.790
_cell.length_b   74.352
_cell.length_c   76.530
_cell.angle_alpha   96.848
_cell.angle_beta   109.890
_cell.angle_gamma   112.494
#
_symmetry.space_group_name_H-M   'P 1'
#
loop_
_entity.id
_entity.type
_entity.pdbx_description
1 polymer 'anti-cyno interleukin 13 Fab heavy chain'
2 polymer 'anti-cyno interleukin 13 Fab light chain'
3 polymer IL13
4 water water
#
loop_
_entity_poly.entity_id
_entity_poly.type
_entity_poly.pdbx_seq_one_letter_code
_entity_poly.pdbx_strand_id
1 'polypeptide(L)'
;EVQLLESGGGLVQPGGSLRLSCAASGFTFSSYAMSWVRQAPGKGLEWVSAFSGWDVSTYYADSVKGRFTISRDNSKNTLY
LQMNSLRAEDTAVYYCVQDGLGPYFYNYGMDVWGQGTTVTVSSASTKGPSVFPLAPSSKSTSGGTAALGCLVKDYFPEPV
TVSWNSGALTSGVHTFPAVLQSSGLYSLSSVVTVPSSSLGTQTYICNVNHKPSNTKVDKKVEPKSCD
;
H,A
2 'polypeptide(L)'
;SYELTQPPSVSVSPGQTASITCSGDKLGDKYSFWFQQKPGQSPVLVIYHDSKRPSGIPERFSGSNSGDTATLTISGTRAM
DEADYYCQAWDSSTYVFGTGTKVTVLGQPKAAPSVTLFPPSSEELQANKATLVCLISDFYPGAVTVAWKADSSPVKAGVE
TTTPSKQSNNKYAASSYLSLTPEQWKSHRSYSCQVTHEGSTVEKTVAPTECS
;
L,B
3 'polypeptide(L)'
;GPVPPSTALKELIEELVNITQNQKAPLCNGSMVWSINLTAGVYCAALESLINVSGCSAIEKTQRMLNGFCPHKVSAGQFS
SLRVRDTKIEVAQFVKDLLVHLKKLFREGQFN
;
G,I
#
# COMPACT_ATOMS: atom_id res chain seq x y z
N VAL A 2 10.14 2.24 -9.47
CA VAL A 2 9.19 2.12 -10.56
C VAL A 2 7.84 1.63 -10.04
N GLN A 3 6.78 2.37 -10.34
CA GLN A 3 5.46 2.10 -9.79
C GLN A 3 4.41 2.21 -10.88
N LEU A 4 3.43 1.29 -10.85
CA LEU A 4 2.31 1.28 -11.76
C LEU A 4 1.03 1.32 -10.92
N LEU A 5 0.30 2.42 -10.99
CA LEU A 5 -0.83 2.70 -10.10
C LEU A 5 -2.12 2.57 -10.90
N GLU A 6 -2.77 1.42 -10.79
CA GLU A 6 -4.01 1.16 -11.52
C GLU A 6 -5.20 1.80 -10.81
N SER A 7 -6.19 2.22 -11.62
CA SER A 7 -7.40 2.82 -11.09
C SER A 7 -8.49 2.72 -12.15
N GLY A 8 -9.74 2.85 -11.69
CA GLY A 8 -10.88 2.84 -12.58
C GLY A 8 -11.71 1.57 -12.58
N GLY A 9 -11.40 0.61 -11.71
CA GLY A 9 -12.20 -0.58 -11.61
C GLY A 9 -13.54 -0.30 -10.93
N GLY A 10 -14.32 -1.36 -10.78
CA GLY A 10 -15.60 -1.27 -10.11
C GLY A 10 -16.59 -2.26 -10.67
N LEU A 11 -17.85 -2.09 -10.25
CA LEU A 11 -18.94 -2.97 -10.64
C LEU A 11 -19.68 -2.40 -11.84
N VAL A 12 -19.98 -3.27 -12.81
CA VAL A 12 -20.61 -2.87 -14.06
C VAL A 12 -21.43 -4.05 -14.58
N GLN A 13 -22.55 -3.74 -15.24
CA GLN A 13 -23.42 -4.75 -15.82
C GLN A 13 -22.90 -5.20 -17.19
N PRO A 14 -23.29 -6.40 -17.64
CA PRO A 14 -22.90 -6.85 -18.98
C PRO A 14 -23.41 -5.90 -20.04
N GLY A 15 -22.53 -5.60 -21.01
CA GLY A 15 -22.79 -4.58 -22.00
C GLY A 15 -22.33 -3.20 -21.60
N GLY A 16 -22.04 -2.97 -20.32
CA GLY A 16 -21.56 -1.70 -19.86
C GLY A 16 -20.11 -1.46 -20.28
N SER A 17 -19.57 -0.36 -19.75
CA SER A 17 -18.23 0.08 -20.13
C SER A 17 -17.45 0.51 -18.90
N LEU A 18 -16.13 0.38 -18.98
CA LEU A 18 -15.20 0.91 -17.99
C LEU A 18 -13.96 1.43 -18.71
N ARG A 19 -13.22 2.29 -18.02
CA ARG A 19 -11.95 2.79 -18.55
C ARG A 19 -10.91 2.75 -17.43
N LEU A 20 -9.98 1.81 -17.52
CA LEU A 20 -8.93 1.69 -16.54
C LEU A 20 -7.77 2.63 -16.87
N SER A 21 -7.10 3.11 -15.82
CA SER A 21 -5.91 3.93 -15.96
C SER A 21 -4.80 3.32 -15.12
N CYS A 22 -3.57 3.75 -15.42
CA CYS A 22 -2.38 3.18 -14.79
C CYS A 22 -1.30 4.25 -14.80
N ALA A 23 -1.12 4.93 -13.67
CA ALA A 23 -0.10 5.97 -13.56
C ALA A 23 1.26 5.32 -13.38
N ALA A 24 2.21 5.65 -14.25
CA ALA A 24 3.54 5.07 -14.23
C ALA A 24 4.55 6.07 -13.69
N SER A 25 5.50 5.58 -12.91
CA SER A 25 6.55 6.42 -12.35
C SER A 25 7.82 5.59 -12.21
N GLY A 26 8.95 6.28 -12.04
CA GLY A 26 10.21 5.64 -11.78
C GLY A 26 10.97 5.15 -12.99
N PHE A 27 10.51 5.45 -14.20
CA PHE A 27 11.18 5.00 -15.42
C PHE A 27 10.68 5.82 -16.59
N THR A 28 11.51 5.87 -17.64
CA THR A 28 11.13 6.57 -18.87
C THR A 28 9.99 5.82 -19.53
N PHE A 29 8.77 6.33 -19.36
CA PHE A 29 7.58 5.60 -19.76
C PHE A 29 7.49 5.44 -21.28
N SER A 30 7.83 6.49 -22.03
CA SER A 30 7.63 6.50 -23.47
C SER A 30 8.54 5.54 -24.22
N SER A 31 9.56 4.98 -23.57
CA SER A 31 10.49 4.09 -24.26
C SER A 31 10.09 2.63 -24.17
N TYR A 32 9.26 2.25 -23.20
CA TYR A 32 8.90 0.87 -22.97
C TYR A 32 7.49 0.59 -23.47
N ALA A 33 7.29 -0.58 -24.07
CA ALA A 33 5.94 -1.07 -24.30
C ALA A 33 5.26 -1.33 -22.96
N MET A 34 3.93 -1.36 -22.99
CA MET A 34 3.15 -1.56 -21.78
C MET A 34 2.00 -2.51 -22.08
N SER A 35 1.66 -3.34 -21.09
CA SER A 35 0.67 -4.39 -21.27
C SER A 35 -0.34 -4.38 -20.14
N TRP A 36 -1.52 -4.94 -20.43
CA TRP A 36 -2.52 -5.26 -19.43
C TRP A 36 -2.63 -6.78 -19.36
N VAL A 37 -2.60 -7.33 -18.14
CA VAL A 37 -2.80 -8.75 -17.89
C VAL A 37 -3.84 -8.90 -16.79
N ARG A 38 -4.81 -9.79 -16.99
CA ARG A 38 -5.89 -9.96 -16.05
C ARG A 38 -5.87 -11.37 -15.46
N GLN A 39 -6.53 -11.51 -14.30
CA GLN A 39 -6.59 -12.79 -13.59
C GLN A 39 -7.98 -12.92 -12.98
N ALA A 40 -8.81 -13.79 -13.56
CA ALA A 40 -10.11 -14.06 -12.99
C ALA A 40 -9.95 -14.70 -11.61
N PRO A 41 -10.92 -14.51 -10.72
CA PRO A 41 -10.79 -15.04 -9.35
C PRO A 41 -10.54 -16.54 -9.34
N GLY A 42 -9.43 -16.93 -8.72
CA GLY A 42 -9.09 -18.33 -8.57
C GLY A 42 -8.49 -19.00 -9.79
N LYS A 43 -8.14 -18.25 -10.83
CA LYS A 43 -7.63 -18.83 -12.07
C LYS A 43 -6.26 -18.24 -12.40
N GLY A 44 -5.75 -18.59 -13.58
CA GLY A 44 -4.41 -18.20 -13.99
C GLY A 44 -4.38 -16.83 -14.63
N LEU A 45 -3.20 -16.50 -15.17
CA LEU A 45 -2.95 -15.20 -15.77
C LEU A 45 -3.31 -15.23 -17.25
N GLU A 46 -4.01 -14.20 -17.71
CA GLU A 46 -4.39 -14.06 -19.12
C GLU A 46 -3.97 -12.69 -19.60
N TRP A 47 -3.01 -12.66 -20.53
CA TRP A 47 -2.63 -11.40 -21.15
C TRP A 47 -3.80 -10.83 -21.94
N VAL A 48 -3.97 -9.50 -21.87
CA VAL A 48 -5.09 -8.81 -22.49
C VAL A 48 -4.66 -8.05 -23.74
N SER A 49 -3.71 -7.13 -23.59
CA SER A 49 -3.34 -6.26 -24.70
C SER A 49 -1.97 -5.65 -24.41
N ALA A 50 -1.36 -5.11 -25.47
CA ALA A 50 -0.06 -4.46 -25.37
C ALA A 50 -0.02 -3.25 -26.29
N PHE A 51 0.70 -2.22 -25.87
CA PHE A 51 0.95 -1.02 -26.66
C PHE A 51 2.45 -0.84 -26.78
N SER A 52 2.96 -0.87 -28.00
CA SER A 52 4.40 -0.80 -28.22
C SER A 52 4.96 0.55 -27.79
N GLY A 53 6.17 0.53 -27.22
CA GLY A 53 6.90 1.75 -26.93
C GLY A 53 7.74 2.26 -28.07
N TRP A 54 7.81 1.48 -29.16
CA TRP A 54 8.52 1.84 -30.38
C TRP A 54 7.59 2.29 -31.48
N ASP A 55 6.57 1.49 -31.78
CA ASP A 55 5.55 1.84 -32.76
C ASP A 55 4.35 2.48 -32.06
N VAL A 56 3.29 2.73 -32.82
CA VAL A 56 1.96 2.86 -32.27
C VAL A 56 1.17 1.57 -32.45
N SER A 57 1.84 0.48 -32.83
CA SER A 57 1.19 -0.80 -33.03
C SER A 57 0.63 -1.32 -31.71
N THR A 58 -0.50 -2.03 -31.80
CA THR A 58 -1.16 -2.58 -30.64
C THR A 58 -1.48 -4.05 -30.90
N TYR A 59 -1.62 -4.79 -29.81
CA TYR A 59 -1.82 -6.23 -29.85
C TYR A 59 -2.87 -6.60 -28.81
N TYR A 60 -3.69 -7.60 -29.14
CA TYR A 60 -4.79 -7.99 -28.28
C TYR A 60 -4.95 -9.50 -28.26
N ALA A 61 -5.40 -10.02 -27.11
CA ALA A 61 -5.85 -11.39 -27.03
C ALA A 61 -7.19 -11.54 -27.74
N ASP A 62 -7.39 -12.67 -28.40
CA ASP A 62 -8.58 -12.86 -29.24
C ASP A 62 -9.89 -12.75 -28.47
N SER A 63 -9.84 -12.87 -27.14
CA SER A 63 -11.05 -12.81 -26.34
C SER A 63 -11.58 -11.38 -26.16
N VAL A 64 -10.79 -10.36 -26.51
CA VAL A 64 -11.18 -8.97 -26.27
C VAL A 64 -11.05 -8.09 -27.50
N LYS A 65 -10.61 -8.62 -28.64
CA LYS A 65 -10.39 -7.79 -29.81
C LYS A 65 -11.72 -7.26 -30.36
N GLY A 66 -11.73 -5.98 -30.72
CA GLY A 66 -12.94 -5.28 -31.09
C GLY A 66 -13.73 -4.72 -29.93
N ARG A 67 -13.46 -5.18 -28.71
CA ARG A 67 -14.14 -4.69 -27.51
C ARG A 67 -13.24 -3.87 -26.60
N PHE A 68 -11.95 -4.19 -26.52
CA PHE A 68 -11.01 -3.47 -25.68
C PHE A 68 -10.09 -2.62 -26.54
N THR A 69 -9.71 -1.45 -26.03
CA THR A 69 -8.80 -0.55 -26.73
C THR A 69 -7.74 -0.09 -25.75
N ILE A 70 -6.49 -0.45 -26.02
CA ILE A 70 -5.37 0.01 -25.22
C ILE A 70 -4.90 1.35 -25.75
N SER A 71 -4.52 2.26 -24.85
CA SER A 71 -4.06 3.58 -25.22
C SER A 71 -2.98 4.00 -24.23
N ARG A 72 -2.26 5.07 -24.59
CA ARG A 72 -1.23 5.59 -23.70
C ARG A 72 -1.07 7.08 -23.92
N ASP A 73 -0.60 7.77 -22.88
CA ASP A 73 -0.26 9.18 -22.93
C ASP A 73 1.09 9.36 -22.26
N ASN A 74 2.12 9.63 -23.06
CA ASN A 74 3.48 9.71 -22.51
C ASN A 74 3.68 10.96 -21.68
N SER A 75 2.97 12.04 -21.99
CA SER A 75 3.13 13.28 -21.22
C SER A 75 2.67 13.11 -19.78
N LYS A 76 1.64 12.30 -19.55
CA LYS A 76 1.17 12.00 -18.20
C LYS A 76 1.68 10.66 -17.68
N ASN A 77 2.46 9.94 -18.49
CA ASN A 77 2.97 8.62 -18.13
C ASN A 77 1.84 7.71 -17.63
N THR A 78 0.81 7.60 -18.44
CA THR A 78 -0.41 6.87 -18.07
C THR A 78 -0.81 5.93 -19.19
N LEU A 79 -1.20 4.72 -18.81
CA LEU A 79 -1.73 3.71 -19.72
C LEU A 79 -3.21 3.55 -19.46
N TYR A 80 -3.98 3.35 -20.54
CA TYR A 80 -5.43 3.24 -20.43
C TYR A 80 -5.91 1.95 -21.08
N LEU A 81 -7.11 1.52 -20.69
CA LEU A 81 -7.76 0.37 -21.29
C LEU A 81 -9.27 0.66 -21.32
N GLN A 82 -9.77 1.04 -22.49
CA GLN A 82 -11.20 1.23 -22.68
C GLN A 82 -11.85 -0.12 -22.93
N MET A 83 -12.79 -0.51 -22.07
CA MET A 83 -13.44 -1.82 -22.16
C MET A 83 -14.92 -1.60 -22.45
N ASN A 84 -15.34 -1.96 -23.66
CA ASN A 84 -16.73 -1.88 -24.08
C ASN A 84 -17.31 -3.28 -24.24
N SER A 85 -18.65 -3.34 -24.25
CA SER A 85 -19.38 -4.60 -24.42
C SER A 85 -18.88 -5.67 -23.45
N LEU A 86 -18.78 -5.27 -22.19
CA LEU A 86 -18.23 -6.16 -21.16
C LEU A 86 -19.12 -7.37 -20.96
N ARG A 87 -18.48 -8.52 -20.74
CA ARG A 87 -19.16 -9.78 -20.48
C ARG A 87 -18.77 -10.30 -19.09
N ALA A 88 -19.49 -11.32 -18.65
CA ALA A 88 -19.23 -11.88 -17.32
C ALA A 88 -17.83 -12.47 -17.22
N GLU A 89 -17.38 -13.15 -18.28
CA GLU A 89 -16.05 -13.76 -18.27
C GLU A 89 -14.94 -12.72 -18.19
N ASP A 90 -15.23 -11.44 -18.41
CA ASP A 90 -14.25 -10.38 -18.24
C ASP A 90 -14.02 -10.02 -16.78
N THR A 91 -14.71 -10.68 -15.85
CA THR A 91 -14.52 -10.43 -14.43
C THR A 91 -13.13 -10.91 -14.01
N ALA A 92 -12.31 -9.99 -13.49
CA ALA A 92 -10.93 -10.31 -13.16
C ALA A 92 -10.30 -9.11 -12.46
N VAL A 93 -9.14 -9.35 -11.86
CA VAL A 93 -8.24 -8.29 -11.44
C VAL A 93 -7.33 -7.95 -12.62
N TYR A 94 -7.21 -6.66 -12.92
CA TYR A 94 -6.48 -6.20 -14.09
C TYR A 94 -5.16 -5.57 -13.67
N TYR A 95 -4.06 -6.15 -14.13
CA TYR A 95 -2.72 -5.65 -13.83
C TYR A 95 -2.16 -4.86 -15.01
N CYS A 96 -1.50 -3.76 -14.69
CA CYS A 96 -0.74 -2.96 -15.63
C CYS A 96 0.73 -3.36 -15.50
N VAL A 97 1.36 -3.73 -16.62
CA VAL A 97 2.67 -4.39 -16.58
C VAL A 97 3.65 -3.63 -17.46
N GLN A 98 4.80 -3.24 -16.89
CA GLN A 98 5.88 -2.66 -17.66
C GLN A 98 6.42 -3.70 -18.65
N ASP A 99 6.21 -3.46 -19.94
CA ASP A 99 6.63 -4.44 -20.95
C ASP A 99 7.96 -4.06 -21.59
N GLY A 100 8.18 -4.50 -22.83
CA GLY A 100 9.52 -4.54 -23.38
C GLY A 100 9.98 -3.26 -24.06
N LEU A 101 11.30 -3.13 -24.13
CA LEU A 101 11.94 -2.01 -24.81
C LEU A 101 12.25 -2.39 -26.25
N GLY A 102 12.14 -1.41 -27.16
CA GLY A 102 12.52 -1.61 -28.53
C GLY A 102 11.38 -2.06 -29.43
N PRO A 103 11.67 -2.23 -30.72
CA PRO A 103 10.61 -2.63 -31.65
C PRO A 103 10.06 -4.03 -31.38
N TYR A 104 10.95 -5.00 -31.13
CA TYR A 104 10.53 -6.34 -30.75
C TYR A 104 10.50 -6.43 -29.22
N PHE A 105 9.56 -5.68 -28.64
CA PHE A 105 9.47 -5.57 -27.19
C PHE A 105 9.22 -6.92 -26.52
N TYR A 106 8.60 -7.86 -27.25
CA TYR A 106 8.26 -9.14 -26.65
C TYR A 106 9.51 -9.98 -26.38
N ASN A 107 10.58 -9.75 -27.12
CA ASN A 107 11.84 -10.44 -26.85
C ASN A 107 12.59 -9.81 -25.68
N TYR A 108 12.27 -8.58 -25.32
CA TYR A 108 12.77 -8.00 -24.08
C TYR A 108 12.03 -8.59 -22.87
N GLY A 109 10.71 -8.68 -22.96
CA GLY A 109 9.89 -9.30 -21.94
C GLY A 109 9.27 -8.28 -21.00
N MET A 110 8.43 -8.80 -20.11
CA MET A 110 7.79 -7.98 -19.09
C MET A 110 8.73 -7.80 -17.89
N ASP A 111 8.42 -6.79 -17.08
CA ASP A 111 9.20 -6.55 -15.87
C ASP A 111 8.29 -6.35 -14.66
N VAL A 112 8.09 -5.10 -14.26
CA VAL A 112 7.35 -4.83 -13.03
C VAL A 112 5.86 -4.86 -13.31
N TRP A 113 5.09 -5.28 -12.31
CA TRP A 113 3.65 -5.34 -12.37
C TRP A 113 3.07 -4.39 -11.33
N GLY A 114 1.95 -3.75 -11.66
CA GLY A 114 1.21 -2.99 -10.68
C GLY A 114 0.47 -3.91 -9.72
N GLN A 115 -0.24 -3.28 -8.79
CA GLN A 115 -1.01 -4.05 -7.82
C GLN A 115 -2.38 -4.46 -8.35
N GLY A 116 -2.92 -3.73 -9.31
CA GLY A 116 -4.13 -4.12 -10.01
C GLY A 116 -5.38 -3.51 -9.41
N THR A 117 -6.42 -3.41 -10.24
CA THR A 117 -7.75 -3.01 -9.82
C THR A 117 -8.74 -4.10 -10.17
N THR A 118 -9.84 -4.15 -9.41
CA THR A 118 -10.84 -5.21 -9.54
C THR A 118 -11.97 -4.74 -10.44
N VAL A 119 -12.27 -5.53 -11.46
CA VAL A 119 -13.39 -5.30 -12.36
C VAL A 119 -14.34 -6.48 -12.24
N THR A 120 -15.61 -6.20 -11.94
CA THR A 120 -16.62 -7.25 -11.78
C THR A 120 -17.79 -6.94 -12.69
N VAL A 121 -18.12 -7.88 -13.55
CA VAL A 121 -19.23 -7.73 -14.50
C VAL A 121 -20.30 -8.73 -14.10
N SER A 122 -21.46 -8.22 -13.69
CA SER A 122 -22.55 -9.07 -13.22
C SER A 122 -23.87 -8.40 -13.53
N SER A 123 -24.82 -9.18 -14.04
CA SER A 123 -26.16 -8.67 -14.33
C SER A 123 -27.03 -8.57 -13.10
N ALA A 124 -26.58 -9.12 -11.97
CA ALA A 124 -27.40 -9.12 -10.77
C ALA A 124 -27.51 -7.72 -10.17
N SER A 125 -28.63 -7.48 -9.51
CA SER A 125 -28.84 -6.26 -8.72
C SER A 125 -28.50 -6.54 -7.26
N THR A 126 -28.30 -5.46 -6.51
CA THR A 126 -27.91 -5.61 -5.12
C THR A 126 -29.08 -6.13 -4.29
N LYS A 127 -28.76 -6.82 -3.20
CA LYS A 127 -29.76 -7.50 -2.40
C LYS A 127 -29.15 -7.93 -1.07
N GLY A 128 -29.93 -7.78 0.00
CA GLY A 128 -29.52 -8.23 1.31
C GLY A 128 -29.72 -9.71 1.50
N PRO A 129 -29.09 -10.26 2.53
CA PRO A 129 -29.06 -11.71 2.68
C PRO A 129 -30.14 -12.28 3.59
N SER A 130 -30.48 -13.55 3.35
CA SER A 130 -31.30 -14.32 4.27
C SER A 130 -30.40 -15.05 5.24
N VAL A 131 -30.74 -15.00 6.53
CA VAL A 131 -29.94 -15.59 7.60
C VAL A 131 -30.69 -16.77 8.18
N PHE A 132 -30.01 -17.90 8.31
CA PHE A 132 -30.62 -19.15 8.74
C PHE A 132 -29.81 -19.82 9.83
N PRO A 133 -30.47 -20.52 10.75
CA PRO A 133 -29.74 -21.15 11.86
C PRO A 133 -29.15 -22.51 11.47
N LEU A 134 -27.98 -22.78 12.03
CA LEU A 134 -27.30 -24.07 11.91
C LEU A 134 -27.27 -24.71 13.29
N ALA A 135 -28.21 -25.63 13.54
CA ALA A 135 -28.42 -26.23 14.85
C ALA A 135 -27.47 -27.41 15.08
N PRO A 136 -27.13 -27.70 16.35
CA PRO A 136 -26.24 -28.81 16.68
C PRO A 136 -27.00 -30.10 16.96
N ALA A 146 -21.00 -27.91 21.46
CA ALA A 146 -20.22 -28.28 20.28
C ALA A 146 -20.05 -27.09 19.35
N ALA A 147 -20.50 -27.25 18.11
CA ALA A 147 -20.35 -26.24 17.07
C ALA A 147 -21.72 -25.68 16.70
N LEU A 148 -21.84 -24.35 16.75
CA LEU A 148 -23.04 -23.62 16.37
C LEU A 148 -22.73 -22.66 15.25
N GLY A 149 -23.62 -22.58 14.25
CA GLY A 149 -23.35 -21.82 13.05
C GLY A 149 -24.49 -20.88 12.70
N CYS A 150 -24.25 -20.09 11.66
CA CYS A 150 -25.18 -19.08 11.17
C CYS A 150 -24.93 -18.92 9.68
N LEU A 151 -25.96 -19.19 8.87
CA LEU A 151 -25.82 -19.24 7.42
C LEU A 151 -26.32 -17.94 6.80
N VAL A 152 -25.45 -17.27 6.05
CA VAL A 152 -25.77 -16.04 5.34
C VAL A 152 -25.92 -16.37 3.87
N LYS A 153 -27.13 -16.20 3.32
CA LYS A 153 -27.45 -16.69 1.99
C LYS A 153 -27.98 -15.58 1.09
N ASP A 154 -27.47 -15.56 -0.15
CA ASP A 154 -28.05 -14.81 -1.27
C ASP A 154 -27.96 -13.30 -1.04
N TYR A 155 -26.76 -12.77 -1.23
CA TYR A 155 -26.51 -11.34 -1.20
C TYR A 155 -25.64 -10.94 -2.37
N PHE A 156 -25.66 -9.64 -2.69
CA PHE A 156 -24.89 -9.09 -3.79
C PHE A 156 -24.86 -7.57 -3.68
N PRO A 157 -23.72 -6.93 -4.00
CA PRO A 157 -22.47 -7.63 -4.28
C PRO A 157 -21.65 -7.84 -3.02
N GLU A 158 -20.37 -8.10 -3.18
CA GLU A 158 -19.50 -8.33 -2.05
C GLU A 158 -19.02 -7.01 -1.46
N PRO A 159 -18.63 -7.00 -0.16
CA PRO A 159 -18.62 -8.14 0.73
C PRO A 159 -19.75 -8.16 1.75
N VAL A 160 -19.43 -8.70 2.94
CA VAL A 160 -20.35 -8.84 4.06
C VAL A 160 -19.49 -9.24 5.26
N THR A 161 -19.79 -8.71 6.43
CA THR A 161 -19.05 -9.03 7.64
C THR A 161 -20.00 -9.62 8.68
N VAL A 162 -19.53 -10.64 9.39
CA VAL A 162 -20.31 -11.37 10.38
C VAL A 162 -19.62 -11.24 11.73
N SER A 163 -20.42 -11.05 12.77
CA SER A 163 -19.89 -11.04 14.14
C SER A 163 -20.68 -12.00 15.01
N TRP A 164 -20.43 -11.97 16.31
CA TRP A 164 -21.20 -12.78 17.25
C TRP A 164 -21.35 -12.11 18.61
N ASN A 165 -20.76 -10.94 18.83
CA ASN A 165 -20.80 -10.27 20.12
C ASN A 165 -22.21 -9.93 20.55
N THR A 170 -14.71 -14.27 20.50
CA THR A 170 -14.09 -14.97 19.38
C THR A 170 -13.42 -16.26 19.85
N SER A 171 -14.12 -17.00 20.71
CA SER A 171 -13.58 -18.24 21.28
C SER A 171 -13.72 -19.36 20.25
N GLY A 172 -12.82 -19.35 19.27
CA GLY A 172 -12.80 -20.36 18.23
C GLY A 172 -13.94 -20.22 17.25
N VAL A 173 -13.90 -19.19 16.41
CA VAL A 173 -14.96 -18.87 15.46
C VAL A 173 -14.31 -18.61 14.11
N HIS A 174 -15.00 -19.02 13.03
CA HIS A 174 -14.45 -18.92 11.69
C HIS A 174 -15.52 -18.42 10.73
N THR A 175 -15.21 -17.37 9.98
CA THR A 175 -16.11 -16.87 8.93
C THR A 175 -15.56 -17.38 7.60
N PHE A 176 -16.11 -18.49 7.15
CA PHE A 176 -15.61 -19.12 5.93
C PHE A 176 -15.79 -18.18 4.74
N PRO A 177 -14.85 -18.17 3.80
CA PRO A 177 -14.99 -17.32 2.62
C PRO A 177 -16.28 -17.62 1.87
N ALA A 178 -16.82 -16.58 1.24
CA ALA A 178 -18.09 -16.70 0.55
C ALA A 178 -17.96 -17.56 -0.70
N VAL A 179 -19.10 -18.06 -1.18
CA VAL A 179 -19.18 -18.79 -2.43
C VAL A 179 -20.13 -18.06 -3.35
N LEU A 180 -19.79 -18.03 -4.64
CA LEU A 180 -20.65 -17.43 -5.65
C LEU A 180 -21.54 -18.50 -6.26
N GLN A 181 -22.82 -18.18 -6.44
CA GLN A 181 -23.82 -19.10 -6.96
C GLN A 181 -24.18 -18.73 -8.41
N SER A 182 -24.83 -19.68 -9.11
CA SER A 182 -24.99 -19.55 -10.56
C SER A 182 -25.99 -18.44 -10.92
N SER A 183 -26.69 -17.87 -9.94
CA SER A 183 -27.45 -16.68 -10.29
C SER A 183 -26.60 -15.41 -10.21
N GLY A 184 -25.41 -15.48 -9.60
CA GLY A 184 -24.58 -14.31 -9.33
C GLY A 184 -24.66 -13.76 -7.91
N LEU A 185 -25.23 -14.49 -6.96
CA LEU A 185 -25.26 -14.04 -5.57
C LEU A 185 -24.36 -14.93 -4.74
N TYR A 186 -24.09 -14.47 -3.51
CA TYR A 186 -23.09 -15.09 -2.66
C TYR A 186 -23.71 -15.67 -1.40
N SER A 187 -23.02 -16.67 -0.84
CA SER A 187 -23.41 -17.31 0.40
C SER A 187 -22.17 -17.47 1.27
N LEU A 188 -22.39 -17.59 2.58
CA LEU A 188 -21.32 -17.96 3.49
C LEU A 188 -21.92 -18.43 4.81
N SER A 189 -21.05 -18.95 5.66
CA SER A 189 -21.41 -19.41 6.99
C SER A 189 -20.31 -19.02 7.96
N SER A 190 -20.64 -19.01 9.25
CA SER A 190 -19.65 -18.77 10.29
C SER A 190 -20.01 -19.56 11.54
N VAL A 191 -19.12 -20.45 11.93
CA VAL A 191 -19.33 -21.40 13.02
C VAL A 191 -18.58 -20.91 14.26
N VAL A 192 -19.09 -21.30 15.42
CA VAL A 192 -18.43 -21.03 16.69
C VAL A 192 -18.33 -22.35 17.45
N THR A 193 -17.27 -22.50 18.23
CA THR A 193 -17.00 -23.77 18.90
C THR A 193 -17.30 -23.71 20.40
N CYS A 206 -25.52 -13.91 15.46
CA CYS A 206 -24.65 -13.50 14.37
C CYS A 206 -25.00 -12.11 13.86
N ASN A 207 -24.07 -11.17 13.96
CA ASN A 207 -24.29 -9.79 13.52
C ASN A 207 -23.83 -9.68 12.07
N VAL A 208 -24.78 -9.58 11.14
CA VAL A 208 -24.50 -9.51 9.72
C VAL A 208 -24.75 -8.09 9.23
N ASN A 209 -23.79 -7.52 8.51
CA ASN A 209 -23.96 -6.22 7.88
C ASN A 209 -23.60 -6.35 6.40
N HIS A 210 -24.58 -6.14 5.54
CA HIS A 210 -24.40 -6.03 4.08
C HIS A 210 -24.90 -4.65 3.67
N LYS A 211 -24.05 -3.63 3.87
CA LYS A 211 -24.52 -2.29 3.58
C LYS A 211 -24.24 -1.85 2.13
N PRO A 212 -23.79 -2.74 1.22
CA PRO A 212 -24.14 -2.52 -0.19
C PRO A 212 -25.64 -2.47 -0.41
N SER A 213 -26.39 -3.23 0.39
CA SER A 213 -27.85 -3.24 0.37
C SER A 213 -28.45 -2.60 1.62
N ASN A 214 -27.63 -2.21 2.59
CA ASN A 214 -28.05 -1.46 3.76
C ASN A 214 -28.96 -2.25 4.70
N THR A 215 -28.69 -3.54 4.88
CA THR A 215 -29.40 -4.36 5.86
C THR A 215 -28.44 -4.82 6.94
N LYS A 216 -28.98 -5.01 8.14
CA LYS A 216 -28.21 -5.51 9.27
C LYS A 216 -29.11 -6.40 10.12
N VAL A 217 -28.86 -7.71 10.06
CA VAL A 217 -29.65 -8.73 10.72
C VAL A 217 -28.81 -9.36 11.83
N ASP A 218 -29.48 -9.80 12.90
CA ASP A 218 -28.84 -10.68 13.86
C ASP A 218 -29.87 -11.60 14.48
N LYS A 219 -29.46 -12.84 14.72
CA LYS A 219 -30.35 -13.95 15.06
C LYS A 219 -29.53 -14.98 15.82
N LYS A 220 -30.21 -15.79 16.64
CA LYS A 220 -29.54 -16.78 17.48
C LYS A 220 -30.12 -18.17 17.24
N VAL A 221 -29.37 -19.18 17.67
CA VAL A 221 -29.62 -20.57 17.34
C VAL A 221 -29.74 -21.39 18.63
N GLU A 222 -30.52 -22.47 18.55
CA GLU A 222 -30.62 -23.51 19.58
C GLU A 222 -31.32 -24.72 18.96
N PRO A 223 -30.88 -25.95 19.27
CA PRO A 223 -31.53 -27.14 18.69
C PRO A 223 -32.98 -27.28 19.16
N SER B 1 4.75 -23.23 -27.44
CA SER B 1 4.16 -22.41 -28.48
C SER B 1 2.83 -21.77 -28.04
N TYR B 2 1.76 -22.12 -28.75
CA TYR B 2 0.45 -21.54 -28.51
C TYR B 2 -0.22 -22.09 -27.25
N GLU B 3 0.19 -23.28 -26.79
CA GLU B 3 -0.38 -23.89 -25.60
C GLU B 3 0.77 -24.31 -24.68
N LEU B 4 0.97 -23.56 -23.60
CA LEU B 4 1.99 -23.88 -22.60
C LEU B 4 1.33 -24.65 -21.46
N THR B 5 1.75 -25.90 -21.28
CA THR B 5 1.15 -26.80 -20.31
C THR B 5 2.12 -27.01 -19.14
N GLN B 6 1.63 -26.75 -17.92
CA GLN B 6 2.36 -26.90 -16.68
C GLN B 6 1.64 -27.88 -15.76
N PRO B 7 2.37 -28.67 -14.99
CA PRO B 7 1.72 -29.58 -14.03
C PRO B 7 1.07 -28.81 -12.90
N PRO B 8 -0.14 -29.17 -12.50
CA PRO B 8 -0.89 -28.30 -11.58
C PRO B 8 -0.23 -28.10 -10.22
N SER B 9 0.56 -29.05 -9.74
CA SER B 9 1.03 -29.00 -8.36
C SER B 9 2.44 -29.55 -8.26
N VAL B 10 3.25 -28.92 -7.40
CA VAL B 10 4.60 -29.37 -7.08
C VAL B 10 4.80 -29.20 -5.58
N SER B 11 5.18 -30.28 -4.90
CA SER B 11 5.28 -30.29 -3.45
C SER B 11 6.64 -30.82 -3.03
N VAL B 12 7.35 -30.07 -2.18
CA VAL B 12 8.64 -30.47 -1.64
C VAL B 12 8.69 -30.07 -0.18
N SER B 13 9.68 -30.64 0.53
CA SER B 13 10.00 -30.25 1.90
C SER B 13 11.11 -29.20 1.90
N PRO B 14 11.19 -28.36 2.94
CA PRO B 14 12.19 -27.29 2.93
C PRO B 14 13.60 -27.82 2.79
N GLY B 15 14.40 -27.13 1.98
CA GLY B 15 15.75 -27.55 1.67
C GLY B 15 15.87 -28.43 0.44
N GLN B 16 14.78 -29.05 0.01
CA GLN B 16 14.81 -29.87 -1.20
C GLN B 16 14.76 -28.99 -2.45
N THR B 17 14.98 -29.62 -3.59
CA THR B 17 14.98 -28.93 -4.88
C THR B 17 13.62 -29.12 -5.55
N ALA B 18 13.01 -28.03 -5.95
CA ALA B 18 11.72 -28.04 -6.65
C ALA B 18 11.96 -27.73 -8.12
N SER B 19 11.49 -28.61 -8.99
CA SER B 19 11.64 -28.46 -10.43
C SER B 19 10.26 -28.30 -11.05
N ILE B 20 10.04 -27.17 -11.72
CA ILE B 20 8.75 -26.84 -12.33
C ILE B 20 8.90 -26.89 -13.84
N THR B 21 8.06 -27.66 -14.50
CA THR B 21 8.13 -27.84 -15.93
C THR B 21 7.09 -26.98 -16.65
N CYS B 22 7.36 -26.74 -17.94
CA CYS B 22 6.43 -25.99 -18.80
C CYS B 22 6.69 -26.44 -20.22
N SER B 23 5.76 -27.19 -20.79
CA SER B 23 5.93 -27.81 -22.10
C SER B 23 5.18 -27.03 -23.17
N GLY B 24 5.83 -26.86 -24.31
CA GLY B 24 5.21 -26.23 -25.46
C GLY B 24 5.93 -26.64 -26.73
N ASP B 25 5.16 -26.73 -27.81
CA ASP B 25 5.74 -27.08 -29.11
C ASP B 25 6.85 -26.10 -29.47
N LYS B 26 8.06 -26.64 -29.68
CA LYS B 26 9.25 -25.87 -30.04
C LYS B 26 9.51 -24.71 -29.08
N LEU B 27 9.16 -24.92 -27.80
CA LEU B 27 9.38 -23.87 -26.80
C LEU B 27 10.85 -23.47 -26.70
N GLY B 28 11.77 -24.39 -27.01
CA GLY B 28 13.18 -24.09 -26.95
C GLY B 28 13.64 -23.05 -27.96
N ASP B 29 12.85 -22.80 -29.00
CA ASP B 29 13.19 -21.76 -29.98
C ASP B 29 12.76 -20.37 -29.55
N LYS B 30 11.91 -20.26 -28.52
CA LYS B 30 11.46 -18.98 -28.01
C LYS B 30 12.14 -18.66 -26.69
N TYR B 31 12.11 -17.39 -26.33
CA TYR B 31 12.51 -16.99 -24.98
C TYR B 31 11.42 -17.36 -23.98
N SER B 32 11.83 -17.92 -22.86
CA SER B 32 10.90 -18.31 -21.81
C SER B 32 11.03 -17.34 -20.63
N PHE B 33 9.91 -17.07 -19.98
CA PHE B 33 9.85 -16.18 -18.84
C PHE B 33 9.08 -16.87 -17.71
N TRP B 34 9.50 -16.63 -16.47
CA TRP B 34 8.86 -17.22 -15.31
C TRP B 34 8.42 -16.11 -14.37
N PHE B 35 7.19 -16.23 -13.85
CA PHE B 35 6.62 -15.25 -12.94
C PHE B 35 6.17 -15.94 -11.67
N GLN B 36 6.50 -15.35 -10.53
CA GLN B 36 6.16 -15.90 -9.22
C GLN B 36 5.08 -15.04 -8.58
N GLN B 37 3.99 -15.67 -8.17
CA GLN B 37 2.88 -14.96 -7.53
C GLN B 37 2.61 -15.59 -6.17
N LYS B 38 3.09 -14.94 -5.11
CA LYS B 38 2.76 -15.37 -3.77
C LYS B 38 1.31 -15.00 -3.46
N PRO B 39 0.64 -15.73 -2.57
CA PRO B 39 -0.78 -15.49 -2.31
C PRO B 39 -1.05 -14.06 -1.87
N GLY B 40 -2.02 -13.43 -2.53
CA GLY B 40 -2.47 -12.10 -2.15
C GLY B 40 -1.71 -10.95 -2.75
N GLN B 41 -0.78 -11.20 -3.66
CA GLN B 41 0.03 -10.14 -4.26
C GLN B 41 0.15 -10.36 -5.77
N SER B 42 0.68 -9.34 -6.44
CA SER B 42 0.86 -9.38 -7.88
C SER B 42 2.11 -10.19 -8.23
N PRO B 43 2.17 -10.74 -9.44
CA PRO B 43 3.35 -11.52 -9.85
C PRO B 43 4.61 -10.68 -9.88
N VAL B 44 5.75 -11.35 -9.77
CA VAL B 44 7.06 -10.73 -9.84
C VAL B 44 7.93 -11.54 -10.79
N LEU B 45 8.69 -10.84 -11.63
CA LEU B 45 9.58 -11.52 -12.56
C LEU B 45 10.71 -12.20 -11.80
N VAL B 46 10.87 -13.50 -12.03
CA VAL B 46 11.92 -14.27 -11.38
C VAL B 46 12.97 -14.77 -12.37
N ILE B 47 12.60 -15.01 -13.63
CA ILE B 47 13.53 -15.48 -14.66
C ILE B 47 13.12 -14.86 -15.98
N TYR B 48 14.09 -14.30 -16.70
CA TYR B 48 13.87 -13.79 -18.06
C TYR B 48 14.93 -14.37 -18.98
N HIS B 49 14.59 -14.43 -20.27
CA HIS B 49 15.48 -14.95 -21.31
C HIS B 49 16.04 -16.32 -20.91
N ASP B 50 15.12 -17.21 -20.51
CA ASP B 50 15.40 -18.61 -20.20
C ASP B 50 16.12 -18.82 -18.87
N SER B 51 17.16 -18.03 -18.59
CA SER B 51 18.05 -18.35 -17.48
C SER B 51 18.53 -17.17 -16.66
N LYS B 52 18.18 -15.94 -17.01
CA LYS B 52 18.70 -14.78 -16.30
C LYS B 52 17.87 -14.45 -15.08
N ARG B 53 18.54 -14.09 -14.00
CA ARG B 53 17.88 -13.64 -12.77
C ARG B 53 17.85 -12.12 -12.75
N PRO B 54 16.69 -11.49 -12.67
CA PRO B 54 16.66 -10.03 -12.54
C PRO B 54 17.19 -9.59 -11.18
N SER B 55 17.38 -8.27 -11.06
CA SER B 55 18.00 -7.71 -9.87
C SER B 55 17.13 -7.96 -8.64
N GLY B 56 17.77 -8.43 -7.56
CA GLY B 56 17.09 -8.63 -6.29
C GLY B 56 16.40 -9.97 -6.14
N ILE B 57 16.53 -10.87 -7.09
CA ILE B 57 15.88 -12.18 -7.02
C ILE B 57 16.83 -13.16 -6.36
N PRO B 58 16.36 -13.98 -5.40
CA PRO B 58 17.26 -14.91 -4.71
C PRO B 58 17.99 -15.83 -5.68
N GLU B 59 19.25 -16.14 -5.33
CA GLU B 59 20.13 -16.89 -6.21
C GLU B 59 19.77 -18.36 -6.30
N ARG B 60 18.87 -18.85 -5.46
CA ARG B 60 18.42 -20.24 -5.55
C ARG B 60 17.49 -20.47 -6.73
N PHE B 61 17.06 -19.42 -7.42
CA PHE B 61 16.20 -19.55 -8.59
C PHE B 61 17.06 -19.63 -9.85
N SER B 62 16.82 -20.65 -10.66
CA SER B 62 17.54 -20.81 -11.91
C SER B 62 16.60 -21.40 -12.96
N GLY B 63 16.87 -21.09 -14.22
CA GLY B 63 16.01 -21.53 -15.30
C GLY B 63 16.82 -22.11 -16.45
N SER B 64 16.15 -22.96 -17.22
CA SER B 64 16.71 -23.55 -18.42
C SER B 64 15.60 -23.73 -19.44
N ASN B 65 15.96 -23.60 -20.72
CA ASN B 65 15.01 -23.77 -21.81
C ASN B 65 15.70 -24.50 -22.95
N SER B 66 15.20 -25.68 -23.29
CA SER B 66 15.80 -26.50 -24.33
C SER B 66 14.76 -27.47 -24.87
N GLY B 67 14.77 -27.66 -26.19
CA GLY B 67 13.83 -28.56 -26.83
C GLY B 67 12.41 -28.02 -26.82
N ASP B 68 11.52 -28.70 -26.09
CA ASP B 68 10.14 -28.28 -25.95
C ASP B 68 9.73 -28.10 -24.49
N THR B 69 10.70 -27.99 -23.57
CA THR B 69 10.41 -27.89 -22.15
C THR B 69 11.26 -26.78 -21.54
N ALA B 70 10.60 -25.87 -20.83
CA ALA B 70 11.26 -24.87 -20.00
C ALA B 70 11.12 -25.27 -18.54
N THR B 71 12.22 -25.16 -17.80
CA THR B 71 12.27 -25.65 -16.42
C THR B 71 12.72 -24.52 -15.50
N LEU B 72 11.99 -24.35 -14.40
CA LEU B 72 12.37 -23.46 -13.32
C LEU B 72 12.78 -24.31 -12.12
N THR B 73 14.00 -24.08 -11.63
CA THR B 73 14.55 -24.88 -10.53
C THR B 73 14.76 -23.99 -9.32
N ILE B 74 14.27 -24.44 -8.17
CA ILE B 74 14.49 -23.78 -6.90
C ILE B 74 15.34 -24.71 -6.03
N SER B 75 16.59 -24.35 -5.83
CA SER B 75 17.52 -25.15 -5.04
C SER B 75 17.39 -24.77 -3.57
N GLY B 76 17.28 -25.78 -2.71
CA GLY B 76 17.06 -25.53 -1.30
C GLY B 76 15.84 -24.67 -1.06
N THR B 77 14.68 -25.16 -1.50
CA THR B 77 13.46 -24.35 -1.43
C THR B 77 13.14 -23.96 0.01
N ARG B 78 12.91 -22.68 0.23
CA ARG B 78 12.60 -22.15 1.55
C ARG B 78 11.11 -21.93 1.70
N ALA B 79 10.70 -21.59 2.93
CA ALA B 79 9.29 -21.43 3.23
C ALA B 79 8.68 -20.27 2.46
N MET B 80 9.43 -19.17 2.31
CA MET B 80 8.93 -17.99 1.61
C MET B 80 8.80 -18.19 0.11
N ASP B 81 9.18 -19.35 -0.43
CA ASP B 81 9.09 -19.62 -1.85
C ASP B 81 7.76 -20.22 -2.26
N GLU B 82 6.89 -20.55 -1.30
CA GLU B 82 5.53 -20.99 -1.61
C GLU B 82 4.83 -19.94 -2.46
N ALA B 83 4.44 -20.32 -3.67
CA ALA B 83 3.77 -19.40 -4.58
C ALA B 83 3.24 -20.16 -5.77
N ASP B 84 2.43 -19.47 -6.57
CA ASP B 84 2.06 -19.93 -7.91
C ASP B 84 3.09 -19.41 -8.90
N TYR B 85 3.67 -20.32 -9.67
CA TYR B 85 4.67 -19.97 -10.67
C TYR B 85 4.08 -20.13 -12.05
N TYR B 86 4.35 -19.15 -12.93
CA TYR B 86 3.73 -19.11 -14.25
C TYR B 86 4.81 -19.03 -15.32
N CYS B 87 4.68 -19.91 -16.32
CA CYS B 87 5.48 -19.89 -17.53
C CYS B 87 4.86 -18.92 -18.54
N GLN B 88 5.70 -18.41 -19.44
CA GLN B 88 5.22 -17.42 -20.41
C GLN B 88 6.13 -17.39 -21.63
N ALA B 89 5.53 -17.20 -22.80
CA ALA B 89 6.28 -17.03 -24.05
C ALA B 89 5.40 -16.27 -25.04
N TRP B 90 6.01 -15.84 -26.14
CA TRP B 90 5.37 -15.02 -27.15
C TRP B 90 5.12 -15.86 -28.39
N ASP B 91 3.90 -15.76 -28.95
CA ASP B 91 3.55 -16.54 -30.12
C ASP B 91 2.37 -15.89 -30.84
N SER B 92 2.50 -15.75 -32.16
CA SER B 92 1.43 -15.24 -33.03
C SER B 92 0.88 -13.92 -32.52
N SER B 93 1.80 -13.00 -32.20
CA SER B 93 1.47 -11.63 -31.80
C SER B 93 0.68 -11.59 -30.49
N THR B 94 0.86 -12.59 -29.64
CA THR B 94 0.22 -12.63 -28.32
C THR B 94 1.21 -13.13 -27.29
N TYR B 95 0.99 -12.73 -26.03
CA TYR B 95 1.66 -13.33 -24.89
C TYR B 95 0.85 -14.53 -24.41
N VAL B 96 1.51 -15.67 -24.27
CA VAL B 96 0.85 -16.91 -23.85
C VAL B 96 1.40 -17.31 -22.49
N PHE B 97 0.52 -17.49 -21.52
CA PHE B 97 0.90 -17.88 -20.17
C PHE B 97 0.70 -19.39 -19.99
N GLY B 98 1.62 -20.01 -19.25
CA GLY B 98 1.39 -21.37 -18.81
C GLY B 98 0.24 -21.45 -17.83
N THR B 99 -0.33 -22.65 -17.70
CA THR B 99 -1.50 -22.83 -16.85
C THR B 99 -1.17 -22.70 -15.36
N GLY B 100 0.10 -22.70 -14.99
CA GLY B 100 0.48 -22.38 -13.62
C GLY B 100 0.73 -23.61 -12.77
N THR B 101 1.68 -23.48 -11.84
CA THR B 101 2.02 -24.54 -10.91
C THR B 101 1.99 -23.96 -9.50
N LYS B 102 1.20 -24.57 -8.62
CA LYS B 102 1.26 -24.20 -7.21
C LYS B 102 2.39 -24.99 -6.55
N VAL B 103 3.37 -24.28 -6.03
CA VAL B 103 4.51 -24.88 -5.34
C VAL B 103 4.25 -24.78 -3.85
N THR B 104 4.05 -25.92 -3.20
CA THR B 104 3.78 -25.98 -1.76
C THR B 104 5.02 -26.48 -1.05
N VAL B 105 5.55 -25.67 -0.15
CA VAL B 105 6.67 -26.05 0.71
C VAL B 105 6.08 -26.55 2.02
N LEU B 106 6.22 -27.85 2.28
CA LEU B 106 5.62 -28.48 3.46
C LEU B 106 6.31 -27.96 4.72
N GLY B 107 5.69 -26.99 5.36
CA GLY B 107 6.28 -26.36 6.54
C GLY B 107 5.87 -27.00 7.86
N GLN B 108 4.82 -27.79 7.85
CA GLN B 108 4.28 -28.41 9.05
C GLN B 108 3.77 -29.80 8.70
N PRO B 109 3.63 -30.67 9.70
CA PRO B 109 3.12 -32.03 9.42
C PRO B 109 1.69 -31.99 8.90
N LYS B 110 1.32 -33.08 8.23
CA LYS B 110 0.00 -33.17 7.62
C LYS B 110 -1.10 -33.14 8.68
N ALA B 111 -2.21 -32.50 8.35
CA ALA B 111 -3.36 -32.40 9.23
C ALA B 111 -4.61 -32.85 8.48
N ALA B 112 -5.32 -33.82 9.06
CA ALA B 112 -6.53 -34.33 8.43
C ALA B 112 -7.69 -33.34 8.65
N PRO B 113 -8.60 -33.24 7.68
CA PRO B 113 -9.68 -32.26 7.78
C PRO B 113 -10.74 -32.67 8.78
N SER B 114 -11.14 -31.71 9.63
CA SER B 114 -12.30 -31.87 10.49
C SER B 114 -13.52 -31.32 9.77
N VAL B 115 -14.62 -32.07 9.80
CA VAL B 115 -15.80 -31.76 9.01
C VAL B 115 -17.00 -31.60 9.92
N THR B 116 -17.91 -30.69 9.52
CA THR B 116 -19.15 -30.43 10.22
C THR B 116 -20.24 -30.26 9.17
N LEU B 117 -21.12 -31.26 9.04
CA LEU B 117 -22.20 -31.23 8.06
C LEU B 117 -23.48 -30.78 8.75
N PHE B 118 -24.00 -29.63 8.33
CA PHE B 118 -25.20 -29.05 8.90
C PHE B 118 -26.41 -29.39 8.04
N PRO B 119 -27.57 -29.63 8.65
CA PRO B 119 -28.76 -29.98 7.89
C PRO B 119 -29.51 -28.72 7.44
N PRO B 120 -30.45 -28.87 6.51
CA PRO B 120 -31.29 -27.71 6.15
C PRO B 120 -32.02 -27.16 7.36
N SER B 121 -32.18 -25.84 7.38
CA SER B 121 -32.80 -25.19 8.51
C SER B 121 -34.31 -25.38 8.49
N SER B 122 -34.93 -25.17 9.66
CA SER B 122 -36.38 -25.19 9.74
C SER B 122 -36.99 -23.98 9.03
N GLU B 123 -36.34 -22.82 9.15
CA GLU B 123 -36.82 -21.62 8.48
C GLU B 123 -36.62 -21.71 6.97
N GLU B 124 -35.47 -22.25 6.54
CA GLU B 124 -35.20 -22.35 5.10
C GLU B 124 -36.14 -23.34 4.44
N LEU B 125 -36.48 -24.44 5.13
CA LEU B 125 -37.41 -25.41 4.57
C LEU B 125 -38.79 -24.78 4.34
N GLN B 126 -39.19 -23.84 5.21
CA GLN B 126 -40.43 -23.12 4.99
C GLN B 126 -40.30 -22.09 3.88
N ALA B 127 -39.07 -21.74 3.49
CA ALA B 127 -38.82 -20.88 2.34
C ALA B 127 -38.71 -21.65 1.05
N ASN B 128 -39.13 -22.92 1.03
CA ASN B 128 -39.10 -23.77 -0.16
C ASN B 128 -37.68 -23.94 -0.70
N LYS B 129 -36.69 -23.93 0.18
CA LYS B 129 -35.29 -24.08 -0.22
C LYS B 129 -34.56 -24.92 0.82
N ALA B 130 -33.53 -25.62 0.36
CA ALA B 130 -32.74 -26.50 1.23
C ALA B 130 -31.27 -26.40 0.85
N THR B 131 -30.42 -26.16 1.83
CA THR B 131 -28.98 -26.05 1.62
C THR B 131 -28.26 -26.88 2.66
N LEU B 132 -27.43 -27.80 2.20
CA LEU B 132 -26.59 -28.61 3.08
C LEU B 132 -25.21 -27.93 3.17
N VAL B 133 -24.79 -27.63 4.39
CA VAL B 133 -23.59 -26.83 4.62
C VAL B 133 -22.53 -27.77 5.18
N CYS B 134 -21.57 -28.14 4.33
CA CYS B 134 -20.41 -28.95 4.72
C CYS B 134 -19.23 -28.02 4.96
N LEU B 135 -18.73 -28.00 6.19
CA LEU B 135 -17.68 -27.07 6.60
C LEU B 135 -16.44 -27.85 6.99
N ILE B 136 -15.34 -27.60 6.28
CA ILE B 136 -14.09 -28.34 6.45
C ILE B 136 -13.04 -27.41 7.03
N SER B 137 -12.30 -27.89 8.02
CA SER B 137 -11.39 -27.03 8.76
C SER B 137 -10.16 -27.81 9.20
N ASP B 138 -9.10 -27.05 9.48
CA ASP B 138 -7.92 -27.54 10.20
C ASP B 138 -7.17 -28.62 9.41
N PHE B 139 -6.98 -28.40 8.12
CA PHE B 139 -6.25 -29.35 7.29
C PHE B 139 -5.05 -28.68 6.64
N TYR B 140 -4.02 -29.49 6.33
CA TYR B 140 -2.78 -29.05 5.71
C TYR B 140 -2.20 -30.24 4.98
N PRO B 141 -1.73 -30.08 3.73
CA PRO B 141 -1.71 -28.82 2.96
C PRO B 141 -3.09 -28.36 2.50
N GLY B 142 -3.18 -27.11 2.05
CA GLY B 142 -4.45 -26.51 1.73
C GLY B 142 -5.01 -26.88 0.37
N ALA B 143 -5.42 -28.14 0.21
CA ALA B 143 -6.03 -28.59 -1.03
C ALA B 143 -6.88 -29.81 -0.73
N VAL B 144 -8.19 -29.67 -0.90
CA VAL B 144 -9.12 -30.78 -0.71
C VAL B 144 -10.08 -30.81 -1.89
N THR B 145 -10.45 -32.02 -2.32
CA THR B 145 -11.52 -32.21 -3.28
C THR B 145 -12.73 -32.78 -2.54
N VAL B 146 -13.89 -32.21 -2.78
CA VAL B 146 -15.12 -32.61 -2.11
C VAL B 146 -16.10 -33.13 -3.14
N ALA B 147 -16.76 -34.24 -2.81
CA ALA B 147 -17.79 -34.84 -3.66
C ALA B 147 -19.05 -35.05 -2.83
N TRP B 148 -20.19 -34.74 -3.43
CA TRP B 148 -21.47 -34.86 -2.76
C TRP B 148 -22.21 -36.11 -3.21
N LYS B 149 -23.05 -36.65 -2.33
CA LYS B 149 -23.82 -37.85 -2.62
C LYS B 149 -25.29 -37.66 -2.29
N SER B 152 -26.89 -42.63 -1.95
CA SER B 152 -25.46 -42.41 -2.19
C SER B 152 -25.11 -42.63 -3.66
N SER B 153 -25.89 -42.00 -4.53
CA SER B 153 -25.64 -41.74 -5.95
C SER B 153 -25.00 -40.36 -6.11
N PRO B 154 -24.04 -40.19 -7.02
CA PRO B 154 -23.32 -38.93 -7.09
C PRO B 154 -24.20 -37.80 -7.59
N VAL B 155 -24.03 -36.63 -6.99
CA VAL B 155 -24.78 -35.42 -7.34
C VAL B 155 -23.82 -34.46 -8.02
N LYS B 156 -23.95 -34.32 -9.34
CA LYS B 156 -23.12 -33.37 -10.07
C LYS B 156 -23.51 -31.94 -9.74
N ALA B 157 -24.81 -31.67 -9.65
CA ALA B 157 -25.33 -30.32 -9.75
C ALA B 157 -25.76 -29.80 -8.38
N GLY B 158 -26.07 -28.50 -8.35
CA GLY B 158 -26.40 -27.83 -7.11
C GLY B 158 -25.25 -27.71 -6.14
N VAL B 159 -24.03 -28.03 -6.57
CA VAL B 159 -22.86 -28.02 -5.70
C VAL B 159 -22.04 -26.77 -5.95
N GLU B 160 -21.52 -26.17 -4.89
CA GLU B 160 -20.61 -25.04 -5.00
C GLU B 160 -19.65 -25.08 -3.83
N THR B 161 -18.35 -25.05 -4.13
CA THR B 161 -17.30 -25.17 -3.13
C THR B 161 -16.39 -23.96 -3.19
N THR B 162 -15.88 -23.55 -2.03
CA THR B 162 -14.94 -22.43 -1.96
C THR B 162 -13.51 -22.92 -2.05
N THR B 163 -12.66 -22.05 -2.58
CA THR B 163 -11.23 -22.27 -2.51
C THR B 163 -10.79 -22.38 -1.05
N PRO B 164 -9.87 -23.28 -0.71
CA PRO B 164 -9.35 -23.30 0.65
C PRO B 164 -8.66 -21.99 1.00
N SER B 165 -8.69 -21.65 2.29
CA SER B 165 -8.13 -20.40 2.77
C SER B 165 -7.43 -20.63 4.10
N LYS B 166 -6.39 -19.82 4.34
CA LYS B 166 -5.61 -19.94 5.56
C LYS B 166 -6.43 -19.50 6.78
N GLN B 167 -6.28 -20.22 7.88
CA GLN B 167 -6.99 -19.91 9.12
C GLN B 167 -6.09 -19.11 10.05
N SER B 168 -6.57 -18.92 11.29
CA SER B 168 -5.77 -18.29 12.32
C SER B 168 -4.49 -19.08 12.59
N ASN B 169 -4.60 -20.41 12.68
CA ASN B 169 -3.49 -21.28 13.01
C ASN B 169 -2.68 -21.72 11.79
N ASN B 170 -2.82 -21.02 10.67
CA ASN B 170 -2.12 -21.28 9.42
C ASN B 170 -2.39 -22.68 8.87
N LYS B 171 -3.39 -23.38 9.41
CA LYS B 171 -3.97 -24.52 8.70
C LYS B 171 -4.95 -23.97 7.68
N TYR B 172 -5.77 -24.83 7.08
CA TYR B 172 -6.65 -24.38 6.01
C TYR B 172 -8.09 -24.83 6.28
N ALA B 173 -9.02 -24.08 5.68
CA ALA B 173 -10.45 -24.34 5.81
C ALA B 173 -11.11 -24.19 4.45
N ALA B 174 -12.23 -24.89 4.28
CA ALA B 174 -13.01 -24.81 3.05
C ALA B 174 -14.48 -25.02 3.37
N SER B 175 -15.32 -24.77 2.38
CA SER B 175 -16.77 -24.86 2.54
C SER B 175 -17.39 -25.39 1.25
N SER B 176 -18.42 -26.23 1.41
CA SER B 176 -19.14 -26.79 0.27
C SER B 176 -20.62 -26.77 0.56
N TYR B 177 -21.41 -26.37 -0.44
CA TYR B 177 -22.86 -26.24 -0.31
C TYR B 177 -23.54 -27.04 -1.40
N LEU B 178 -24.58 -27.79 -1.04
CA LEU B 178 -25.39 -28.53 -1.99
C LEU B 178 -26.81 -27.97 -1.93
N SER B 179 -27.25 -27.36 -3.02
CA SER B 179 -28.57 -26.75 -3.08
C SER B 179 -29.63 -27.80 -3.39
N LEU B 180 -30.64 -27.90 -2.53
CA LEU B 180 -31.72 -28.87 -2.68
C LEU B 180 -33.06 -28.19 -2.53
N THR B 181 -34.08 -28.85 -3.05
CA THR B 181 -35.45 -28.49 -2.70
C THR B 181 -36.00 -29.49 -1.68
N PRO B 182 -36.89 -29.05 -0.78
CA PRO B 182 -37.31 -29.91 0.33
C PRO B 182 -37.82 -31.29 -0.08
N GLU B 183 -38.28 -31.43 -1.32
CA GLU B 183 -38.79 -32.71 -1.78
C GLU B 183 -37.67 -33.72 -2.02
N GLN B 184 -36.43 -33.27 -2.24
CA GLN B 184 -35.30 -34.17 -2.32
C GLN B 184 -34.62 -34.40 -0.98
N TRP B 185 -34.94 -33.60 0.04
CA TRP B 185 -34.23 -33.68 1.30
C TRP B 185 -34.81 -34.76 2.21
N LYS B 186 -36.14 -34.80 2.34
CA LYS B 186 -36.79 -35.91 3.04
C LYS B 186 -36.94 -37.14 2.15
N SER B 187 -36.58 -37.05 0.86
CA SER B 187 -36.65 -38.18 -0.05
C SER B 187 -35.56 -39.21 0.24
N HIS B 188 -34.35 -38.94 -0.21
CA HIS B 188 -33.24 -39.85 -0.01
C HIS B 188 -32.90 -39.92 1.46
N ARG B 189 -32.41 -41.08 1.89
CA ARG B 189 -32.38 -41.32 3.32
C ARG B 189 -31.24 -40.57 4.00
N SER B 190 -30.10 -40.44 3.32
CA SER B 190 -29.06 -39.59 3.88
C SER B 190 -28.11 -39.13 2.78
N TYR B 191 -27.95 -37.82 2.67
CA TYR B 191 -26.97 -37.24 1.77
C TYR B 191 -25.59 -37.24 2.43
N SER B 192 -24.55 -37.31 1.60
CA SER B 192 -23.19 -37.47 2.09
C SER B 192 -22.28 -36.36 1.57
N CYS B 193 -21.37 -35.91 2.42
CA CYS B 193 -20.31 -34.99 2.05
C CYS B 193 -18.98 -35.70 2.23
N GLN B 194 -18.26 -35.92 1.12
CA GLN B 194 -17.01 -36.65 1.12
C GLN B 194 -15.87 -35.70 0.77
N VAL B 195 -14.99 -35.44 1.74
CA VAL B 195 -13.85 -34.56 1.55
C VAL B 195 -12.60 -35.41 1.37
N THR B 196 -11.92 -35.23 0.25
CA THR B 196 -10.69 -35.95 -0.06
C THR B 196 -9.51 -35.02 0.18
N HIS B 197 -8.65 -35.38 1.13
CA HIS B 197 -7.55 -34.52 1.53
C HIS B 197 -6.27 -34.87 0.79
N GLU B 198 -5.48 -35.79 1.35
CA GLU B 198 -4.21 -36.18 0.75
C GLU B 198 -4.24 -37.64 0.34
N GLY B 199 -5.16 -37.99 -0.55
CA GLY B 199 -5.42 -39.38 -0.88
C GLY B 199 -6.35 -40.09 0.08
N SER B 200 -6.51 -39.58 1.30
CA SER B 200 -7.43 -40.14 2.28
C SER B 200 -8.68 -39.26 2.38
N THR B 201 -9.80 -39.88 2.73
CA THR B 201 -11.10 -39.21 2.70
C THR B 201 -11.84 -39.49 4.00
N VAL B 202 -12.19 -38.42 4.71
CA VAL B 202 -13.20 -38.48 5.76
C VAL B 202 -14.52 -38.05 5.14
N GLU B 203 -15.63 -38.61 5.62
CA GLU B 203 -16.93 -38.26 5.08
C GLU B 203 -17.97 -38.22 6.19
N LYS B 204 -19.03 -37.45 5.95
CA LYS B 204 -20.12 -37.28 6.89
C LYS B 204 -21.44 -37.28 6.13
N THR B 205 -22.48 -37.80 6.77
CA THR B 205 -23.80 -37.89 6.18
C THR B 205 -24.83 -37.26 7.12
N VAL B 206 -26.02 -37.02 6.60
CA VAL B 206 -27.06 -36.31 7.34
C VAL B 206 -28.43 -36.83 6.92
N ALA B 207 -29.29 -37.08 7.90
CA ALA B 207 -30.64 -37.57 7.72
C ALA B 207 -31.65 -36.64 8.38
N PRO B 208 -32.86 -36.52 7.82
CA PRO B 208 -33.97 -35.86 8.52
C PRO B 208 -34.51 -36.74 9.65
N VAL C 2 0.34 13.34 32.02
CA VAL C 2 0.26 12.28 31.03
C VAL C 2 1.46 12.35 30.08
N GLN C 3 2.27 11.30 30.08
CA GLN C 3 3.46 11.23 29.24
C GLN C 3 3.54 9.87 28.57
N LEU C 4 3.96 9.86 27.30
CA LEU C 4 4.14 8.64 26.52
C LEU C 4 5.54 8.69 25.89
N LEU C 5 6.56 8.55 26.73
CA LEU C 5 7.95 8.68 26.29
C LEU C 5 8.36 7.47 25.48
N GLU C 6 8.47 7.63 24.16
CA GLU C 6 8.88 6.55 23.28
C GLU C 6 10.41 6.42 23.26
N SER C 7 10.87 5.24 22.86
CA SER C 7 12.29 4.96 22.78
C SER C 7 12.50 3.73 21.91
N GLY C 8 13.76 3.47 21.59
CA GLY C 8 14.14 2.29 20.83
C GLY C 8 14.20 2.47 19.32
N GLY C 9 13.97 3.68 18.81
CA GLY C 9 14.05 3.91 17.39
C GLY C 9 15.46 4.22 16.92
N GLY C 10 15.70 4.01 15.64
CA GLY C 10 17.02 4.30 15.08
C GLY C 10 17.19 3.66 13.72
N LEU C 11 18.45 3.56 13.31
CA LEU C 11 18.82 3.05 12.00
C LEU C 11 18.83 1.52 12.01
N VAL C 12 18.32 0.93 10.93
CA VAL C 12 18.31 -0.52 10.77
C VAL C 12 18.27 -0.83 9.28
N GLN C 13 18.63 -2.08 8.92
CA GLN C 13 18.68 -2.46 7.52
C GLN C 13 17.48 -3.31 7.14
N PRO C 14 17.09 -3.34 5.87
CA PRO C 14 15.91 -4.11 5.47
C PRO C 14 16.05 -5.58 5.81
N GLY C 15 14.93 -6.18 6.21
CA GLY C 15 14.94 -7.50 6.79
C GLY C 15 15.32 -7.54 8.25
N GLY C 16 15.89 -6.46 8.79
CA GLY C 16 16.26 -6.40 10.18
C GLY C 16 15.06 -6.17 11.09
N SER C 17 15.34 -6.10 12.39
CA SER C 17 14.31 -6.00 13.40
C SER C 17 14.60 -4.83 14.34
N LEU C 18 13.56 -4.42 15.05
CA LEU C 18 13.64 -3.31 15.99
C LEU C 18 12.41 -3.35 16.88
N ARG C 19 12.59 -3.04 18.16
CA ARG C 19 11.48 -3.02 19.12
C ARG C 19 11.38 -1.65 19.76
N LEU C 20 10.23 -1.00 19.56
CA LEU C 20 9.94 0.28 20.20
C LEU C 20 9.29 0.04 21.55
N SER C 21 9.53 0.96 22.48
CA SER C 21 8.97 0.90 23.82
C SER C 21 8.47 2.28 24.21
N CYS C 22 7.26 2.32 24.77
CA CYS C 22 6.59 3.57 25.15
C CYS C 22 6.27 3.50 26.63
N ALA C 23 7.02 4.24 27.44
CA ALA C 23 6.79 4.26 28.88
C ALA C 23 5.71 5.28 29.20
N ALA C 24 4.62 4.82 29.79
CA ALA C 24 3.46 5.64 30.06
C ALA C 24 3.39 6.04 31.53
N SER C 25 2.79 7.20 31.78
CA SER C 25 2.61 7.69 33.14
C SER C 25 1.53 8.75 33.13
N GLY C 26 1.03 9.08 34.32
CA GLY C 26 0.02 10.11 34.47
C GLY C 26 -1.41 9.65 34.30
N PHE C 27 -1.63 8.36 34.08
CA PHE C 27 -2.98 7.83 33.94
C PHE C 27 -2.96 6.33 34.18
N THR C 28 -4.13 5.76 34.42
CA THR C 28 -4.27 4.32 34.65
C THR C 28 -4.05 3.58 33.33
N PHE C 29 -2.82 3.10 33.13
CA PHE C 29 -2.44 2.53 31.84
C PHE C 29 -3.30 1.33 31.47
N SER C 30 -3.58 0.45 32.43
CA SER C 30 -4.28 -0.79 32.13
C SER C 30 -5.71 -0.56 31.67
N SER C 31 -6.27 0.62 31.90
CA SER C 31 -7.68 0.86 31.58
C SER C 31 -7.90 1.30 30.15
N TYR C 32 -6.87 1.73 29.44
CA TYR C 32 -7.02 2.33 28.12
C TYR C 32 -6.38 1.46 27.06
N ALA C 33 -7.03 1.38 25.90
CA ALA C 33 -6.37 0.84 24.72
C ALA C 33 -5.19 1.73 24.35
N MET C 34 -4.24 1.16 23.62
CA MET C 34 -3.04 1.89 23.23
C MET C 34 -2.73 1.59 21.77
N SER C 35 -2.26 2.61 21.05
CA SER C 35 -2.07 2.52 19.61
C SER C 35 -0.69 3.04 19.21
N TRP C 36 -0.20 2.51 18.09
CA TRP C 36 0.98 3.05 17.42
C TRP C 36 0.53 3.67 16.10
N VAL C 37 0.99 4.90 15.84
CA VAL C 37 0.74 5.58 14.59
C VAL C 37 2.06 6.13 14.09
N ARG C 38 2.30 6.04 12.78
CA ARG C 38 3.56 6.48 12.20
C ARG C 38 3.33 7.54 11.14
N GLN C 39 4.39 8.29 10.83
CA GLN C 39 4.34 9.37 9.85
C GLN C 39 5.63 9.39 9.06
N ALA C 40 5.55 8.99 7.79
CA ALA C 40 6.71 8.96 6.93
C ALA C 40 7.27 10.37 6.71
N PRO C 41 8.56 10.48 6.32
CA PRO C 41 9.26 11.78 6.40
C PRO C 41 8.57 13.00 5.82
N GLY C 42 7.63 12.81 4.90
CA GLY C 42 6.92 13.96 4.35
C GLY C 42 5.51 13.62 3.92
N LYS C 43 4.86 12.73 4.67
CA LYS C 43 3.56 12.19 4.28
C LYS C 43 2.55 12.34 5.41
N GLY C 44 1.39 11.70 5.26
CA GLY C 44 0.33 11.81 6.25
C GLY C 44 0.45 10.81 7.37
N LEU C 45 -0.52 10.86 8.29
CA LEU C 45 -0.55 9.97 9.43
C LEU C 45 -1.08 8.61 9.00
N GLU C 46 -0.42 7.54 9.45
CA GLU C 46 -0.80 6.17 9.12
C GLU C 46 -0.87 5.36 10.41
N TRP C 47 -2.06 4.84 10.72
CA TRP C 47 -2.23 4.02 11.91
C TRP C 47 -1.60 2.65 11.71
N VAL C 48 -0.92 2.16 12.74
CA VAL C 48 -0.15 0.93 12.63
C VAL C 48 -0.86 -0.21 13.34
N SER C 49 -1.08 -0.07 14.65
CA SER C 49 -1.65 -1.16 15.42
C SER C 49 -2.25 -0.62 16.71
N ALA C 50 -3.09 -1.46 17.34
CA ALA C 50 -3.76 -1.13 18.58
C ALA C 50 -3.85 -2.37 19.46
N PHE C 51 -3.65 -2.18 20.77
CA PHE C 51 -3.85 -3.21 21.78
C PHE C 51 -4.92 -2.74 22.75
N SER C 52 -5.95 -3.55 22.92
CA SER C 52 -7.08 -3.18 23.76
C SER C 52 -6.68 -3.08 25.22
N GLY C 53 -7.36 -2.20 25.95
CA GLY C 53 -7.28 -2.12 27.39
C GLY C 53 -8.34 -2.91 28.11
N TRP C 54 -9.23 -3.59 27.38
CA TRP C 54 -10.32 -4.36 27.92
C TRP C 54 -10.03 -5.86 27.92
N ASP C 55 -9.54 -6.39 26.81
CA ASP C 55 -9.05 -7.75 26.74
C ASP C 55 -7.68 -7.75 26.07
N VAL C 56 -7.33 -8.84 25.38
CA VAL C 56 -6.03 -8.90 24.71
C VAL C 56 -6.23 -8.91 23.21
N SER C 57 -7.28 -8.23 22.73
CA SER C 57 -7.48 -8.11 21.29
C SER C 57 -6.47 -7.13 20.70
N THR C 58 -5.94 -7.50 19.53
CA THR C 58 -4.97 -6.68 18.83
C THR C 58 -5.46 -6.42 17.42
N TYR C 59 -5.09 -5.26 16.87
CA TYR C 59 -5.55 -4.82 15.56
C TYR C 59 -4.35 -4.28 14.80
N TYR C 60 -4.28 -4.59 13.51
CA TYR C 60 -3.14 -4.23 12.69
C TYR C 60 -3.60 -3.67 11.36
N ALA C 61 -2.85 -2.70 10.84
CA ALA C 61 -3.02 -2.28 9.46
C ALA C 61 -2.50 -3.37 8.53
N ASP C 62 -3.06 -3.41 7.31
CA ASP C 62 -2.71 -4.48 6.39
C ASP C 62 -1.27 -4.37 5.91
N SER C 63 -0.68 -3.18 5.95
CA SER C 63 0.69 -3.03 5.47
C SER C 63 1.71 -3.65 6.41
N VAL C 64 1.34 -3.90 7.66
CA VAL C 64 2.28 -4.37 8.67
C VAL C 64 1.87 -5.70 9.30
N LYS C 65 0.72 -6.26 8.91
CA LYS C 65 0.26 -7.48 9.54
C LYS C 65 1.20 -8.63 9.25
N GLY C 66 1.28 -9.58 10.20
CA GLY C 66 2.26 -10.65 10.14
C GLY C 66 3.69 -10.21 10.31
N ARG C 67 3.99 -8.92 10.14
CA ARG C 67 5.33 -8.38 10.29
C ARG C 67 5.53 -7.65 11.61
N PHE C 68 4.52 -6.91 12.06
CA PHE C 68 4.60 -6.14 13.29
C PHE C 68 3.77 -6.82 14.37
N THR C 69 4.28 -6.78 15.60
CA THR C 69 3.58 -7.33 16.75
C THR C 69 3.55 -6.28 17.85
N ILE C 70 2.34 -5.92 18.29
CA ILE C 70 2.15 -4.98 19.38
C ILE C 70 1.89 -5.75 20.66
N SER C 71 2.43 -5.27 21.76
CA SER C 71 2.25 -5.91 23.06
C SER C 71 2.32 -4.85 24.14
N ARG C 72 1.88 -5.22 25.34
CA ARG C 72 1.86 -4.29 26.47
C ARG C 72 2.23 -5.06 27.74
N ASP C 73 2.82 -4.31 28.68
CA ASP C 73 3.17 -4.83 30.01
C ASP C 73 2.57 -3.87 31.02
N ASN C 74 1.41 -4.23 31.57
CA ASN C 74 0.72 -3.33 32.50
C ASN C 74 1.54 -3.11 33.77
N SER C 75 2.29 -4.13 34.21
CA SER C 75 3.08 -3.98 35.43
C SER C 75 4.15 -2.91 35.29
N LYS C 76 4.65 -2.69 34.08
CA LYS C 76 5.66 -1.67 33.82
C LYS C 76 5.09 -0.46 33.09
N ASN C 77 3.78 -0.43 32.84
CA ASN C 77 3.12 0.68 32.15
C ASN C 77 3.81 0.99 30.83
N THR C 78 4.16 -0.06 30.08
CA THR C 78 4.93 0.08 28.86
C THR C 78 4.21 -0.60 27.70
N LEU C 79 4.14 0.10 26.58
CA LEU C 79 3.67 -0.45 25.32
C LEU C 79 4.87 -0.79 24.44
N TYR C 80 4.71 -1.82 23.62
CA TYR C 80 5.81 -2.31 22.79
C TYR C 80 5.35 -2.46 21.34
N LEU C 81 6.31 -2.35 20.42
CA LEU C 81 6.06 -2.57 19.00
C LEU C 81 7.24 -3.37 18.46
N GLN C 82 6.99 -4.64 18.14
CA GLN C 82 8.01 -5.55 17.63
C GLN C 82 7.95 -5.56 16.11
N MET C 83 8.94 -4.95 15.46
CA MET C 83 8.95 -4.76 14.02
C MET C 83 9.93 -5.73 13.39
N ASN C 84 9.42 -6.74 12.70
CA ASN C 84 10.22 -7.68 11.93
C ASN C 84 10.16 -7.33 10.44
N SER C 85 11.06 -7.95 9.68
CA SER C 85 11.11 -7.86 8.21
C SER C 85 10.92 -6.42 7.74
N LEU C 86 11.71 -5.53 8.32
CA LEU C 86 11.55 -4.10 8.04
C LEU C 86 11.93 -3.80 6.59
N ARG C 87 11.19 -2.89 5.98
CA ARG C 87 11.42 -2.47 4.60
C ARG C 87 11.62 -0.95 4.56
N ALA C 88 11.91 -0.45 3.36
CA ALA C 88 12.22 0.97 3.21
C ALA C 88 11.03 1.86 3.56
N GLU C 89 9.83 1.47 3.13
CA GLU C 89 8.64 2.28 3.41
C GLU C 89 8.28 2.33 4.89
N ASP C 90 8.87 1.46 5.71
CA ASP C 90 8.64 1.51 7.15
C ASP C 90 9.39 2.64 7.84
N THR C 91 10.17 3.42 7.09
CA THR C 91 10.86 4.58 7.64
C THR C 91 9.85 5.66 8.00
N ALA C 92 9.84 6.07 9.26
CA ALA C 92 8.85 7.04 9.72
C ALA C 92 9.17 7.45 11.16
N VAL C 93 8.51 8.52 11.60
CA VAL C 93 8.37 8.79 13.02
C VAL C 93 7.24 7.92 13.55
N TYR C 94 7.48 7.25 14.68
CA TYR C 94 6.50 6.34 15.25
C TYR C 94 5.96 6.92 16.55
N TYR C 95 4.66 7.19 16.58
CA TYR C 95 4.01 7.80 17.74
C TYR C 95 3.30 6.72 18.55
N CYS C 96 3.47 6.77 19.87
CA CYS C 96 2.67 5.99 20.80
C CYS C 96 1.52 6.85 21.27
N VAL C 97 0.28 6.37 21.08
CA VAL C 97 -0.92 7.16 21.29
C VAL C 97 -1.79 6.49 22.34
N GLN C 98 -2.29 7.29 23.28
CA GLN C 98 -3.30 6.82 24.23
C GLN C 98 -4.64 6.67 23.52
N ASP C 99 -5.18 5.46 23.51
CA ASP C 99 -6.40 5.18 22.78
C ASP C 99 -7.59 5.11 23.73
N GLY C 100 -8.66 4.44 23.31
CA GLY C 100 -9.94 4.56 23.98
C GLY C 100 -10.13 3.59 25.15
N LEU C 101 -11.06 3.96 26.01
CA LEU C 101 -11.45 3.13 27.14
C LEU C 101 -12.57 2.18 26.74
N GLY C 102 -12.60 1.01 27.36
CA GLY C 102 -13.70 0.10 27.23
C GLY C 102 -13.51 -0.95 26.15
N PRO C 103 -14.48 -1.85 26.02
CA PRO C 103 -14.38 -2.90 25.00
C PRO C 103 -14.45 -2.34 23.58
N TYR C 104 -15.24 -1.30 23.36
CA TYR C 104 -15.32 -0.64 22.06
C TYR C 104 -14.52 0.66 22.11
N PHE C 105 -13.20 0.48 22.26
CA PHE C 105 -12.31 1.61 22.49
C PHE C 105 -12.32 2.59 21.33
N TYR C 106 -12.62 2.12 20.12
CA TYR C 106 -12.62 3.00 18.95
C TYR C 106 -13.76 4.01 18.99
N ASN C 107 -14.84 3.71 19.71
CA ASN C 107 -15.91 4.70 19.87
C ASN C 107 -15.58 5.75 20.91
N TYR C 108 -14.57 5.50 21.76
CA TYR C 108 -14.05 6.54 22.63
C TYR C 108 -13.08 7.44 21.88
N GLY C 109 -12.11 6.84 21.20
CA GLY C 109 -11.17 7.59 20.37
C GLY C 109 -9.83 7.79 21.04
N MET C 110 -8.94 8.43 20.30
CA MET C 110 -7.59 8.70 20.78
C MET C 110 -7.56 9.96 21.63
N ASP C 111 -6.50 10.09 22.42
CA ASP C 111 -6.31 11.28 23.27
C ASP C 111 -4.90 11.81 23.14
N VAL C 112 -4.06 11.53 24.14
CA VAL C 112 -2.71 12.09 24.20
C VAL C 112 -1.79 11.32 23.27
N TRP C 113 -0.95 12.06 22.54
CA TRP C 113 0.09 11.49 21.70
C TRP C 113 1.45 11.70 22.37
N GLY C 114 2.36 10.76 22.15
CA GLY C 114 3.74 10.99 22.49
C GLY C 114 4.39 11.95 21.49
N GLN C 115 5.68 12.18 21.67
CA GLN C 115 6.43 13.01 20.73
C GLN C 115 7.12 12.19 19.65
N GLY C 116 7.27 10.89 19.84
CA GLY C 116 7.63 9.98 18.78
C GLY C 116 9.10 9.59 18.79
N THR C 117 9.41 8.52 18.05
CA THR C 117 10.78 8.08 17.81
C THR C 117 10.94 7.77 16.34
N THR C 118 12.11 8.11 15.80
CA THR C 118 12.38 7.97 14.38
C THR C 118 12.94 6.58 14.08
N VAL C 119 12.36 5.92 13.07
CA VAL C 119 12.85 4.65 12.56
C VAL C 119 13.30 4.88 11.13
N THR C 120 14.54 4.52 10.81
CA THR C 120 15.11 4.65 9.48
C THR C 120 15.58 3.28 9.02
N VAL C 121 14.90 2.73 8.02
CA VAL C 121 15.26 1.44 7.45
C VAL C 121 15.98 1.69 6.14
N SER C 122 17.20 1.18 6.02
CA SER C 122 18.06 1.50 4.89
C SER C 122 19.07 0.38 4.71
N SER C 123 19.31 0.01 3.45
CA SER C 123 20.34 -0.97 3.14
C SER C 123 21.70 -0.35 2.93
N ALA C 124 21.77 0.97 2.73
CA ALA C 124 23.02 1.63 2.43
C ALA C 124 23.98 1.59 3.63
N SER C 125 25.26 1.64 3.33
CA SER C 125 26.29 1.76 4.35
C SER C 125 26.62 3.23 4.57
N THR C 126 27.34 3.49 5.66
CA THR C 126 27.73 4.84 6.02
C THR C 126 28.69 5.41 4.96
N LYS C 127 28.67 6.73 4.81
CA LYS C 127 29.51 7.38 3.82
C LYS C 127 29.61 8.87 4.11
N GLY C 128 30.83 9.40 4.01
CA GLY C 128 31.05 10.83 4.13
C GLY C 128 30.77 11.55 2.83
N PRO C 129 30.67 12.88 2.92
CA PRO C 129 30.25 13.66 1.74
C PRO C 129 31.42 14.27 0.96
N SER C 130 31.24 14.39 -0.35
CA SER C 130 32.12 15.18 -1.19
C SER C 130 31.47 16.54 -1.41
N VAL C 131 32.26 17.60 -1.25
CA VAL C 131 31.76 18.97 -1.29
C VAL C 131 32.25 19.63 -2.58
N PHE C 132 31.36 20.38 -3.23
CA PHE C 132 31.65 21.04 -4.48
C PHE C 132 31.29 22.52 -4.39
N PRO C 133 32.06 23.38 -5.05
CA PRO C 133 31.85 24.83 -4.90
C PRO C 133 30.80 25.38 -5.86
N LEU C 134 29.74 25.99 -5.30
CA LEU C 134 28.73 26.66 -6.11
C LEU C 134 29.20 28.09 -6.37
N ALA C 135 29.90 28.27 -7.49
CA ALA C 135 30.58 29.49 -7.89
C ALA C 135 29.63 30.46 -8.59
N PRO C 136 29.94 31.78 -8.59
CA PRO C 136 28.98 32.75 -9.10
C PRO C 136 29.24 33.15 -10.54
N SER C 137 28.63 34.25 -10.96
CA SER C 137 28.88 34.84 -12.27
C SER C 137 29.51 36.22 -12.10
N GLY C 144 23.18 43.48 -6.99
CA GLY C 144 24.23 43.66 -5.99
C GLY C 144 24.34 42.51 -5.01
N THR C 145 23.39 41.58 -5.07
CA THR C 145 23.35 40.42 -4.18
C THR C 145 23.66 39.17 -4.99
N ALA C 146 24.92 38.74 -4.94
CA ALA C 146 25.35 37.50 -5.58
C ALA C 146 25.27 36.34 -4.59
N ALA C 147 25.05 35.14 -5.12
CA ALA C 147 24.82 33.96 -4.30
C ALA C 147 25.98 32.97 -4.45
N LEU C 148 26.35 32.35 -3.33
CA LEU C 148 27.46 31.40 -3.26
C LEU C 148 27.13 30.30 -2.28
N GLY C 149 27.43 29.05 -2.65
CA GLY C 149 27.09 27.92 -1.80
C GLY C 149 28.08 26.77 -1.80
N CYS C 150 27.67 25.65 -1.19
CA CYS C 150 28.50 24.46 -1.08
C CYS C 150 27.60 23.24 -1.21
N LEU C 151 27.79 22.45 -2.26
CA LEU C 151 26.98 21.26 -2.51
C LEU C 151 27.54 20.10 -1.67
N VAL C 152 26.78 19.67 -0.67
CA VAL C 152 27.17 18.57 0.20
C VAL C 152 26.46 17.33 -0.33
N LYS C 153 27.18 16.54 -1.12
CA LYS C 153 26.58 15.46 -1.89
C LYS C 153 27.01 14.10 -1.37
N ASP C 154 26.09 13.13 -1.47
CA ASP C 154 26.39 11.71 -1.34
C ASP C 154 26.88 11.32 0.05
N TYR C 155 25.99 11.36 1.04
CA TYR C 155 26.31 10.91 2.38
C TYR C 155 25.19 10.03 2.90
N PHE C 156 25.45 9.38 4.03
CA PHE C 156 24.50 8.52 4.72
C PHE C 156 25.09 8.07 6.04
N PRO C 157 24.30 8.04 7.13
CA PRO C 157 22.88 8.43 7.18
C PRO C 157 22.63 9.93 7.28
N GLU C 158 21.44 10.27 7.80
CA GLU C 158 20.86 11.60 7.62
C GLU C 158 21.71 12.74 8.14
N PRO C 159 22.15 12.77 9.41
CA PRO C 159 22.61 14.04 10.01
C PRO C 159 23.86 14.59 9.34
N VAL C 160 23.73 15.81 8.79
CA VAL C 160 24.87 16.56 8.27
C VAL C 160 24.68 18.03 8.65
N THR C 161 25.72 18.64 9.19
CA THR C 161 25.72 20.05 9.55
C THR C 161 26.70 20.82 8.69
N VAL C 162 26.42 22.10 8.50
CA VAL C 162 27.24 22.97 7.65
C VAL C 162 27.41 24.32 8.36
N SER C 163 28.61 24.87 8.26
CA SER C 163 28.91 26.20 8.79
C SER C 163 29.68 26.99 7.73
N TRP C 164 30.01 28.24 8.06
CA TRP C 164 30.74 29.10 7.14
C TRP C 164 31.82 29.90 7.88
N THR C 170 27.20 34.17 8.83
CA THR C 170 25.91 33.72 9.36
C THR C 170 24.76 34.67 9.06
N SER C 171 25.01 35.71 8.25
CA SER C 171 23.98 36.70 7.97
C SER C 171 22.88 36.12 7.09
N GLY C 172 23.24 35.46 5.99
CA GLY C 172 22.24 34.95 5.07
C GLY C 172 22.36 33.47 4.75
N VAL C 173 22.71 32.66 5.75
CA VAL C 173 22.93 31.22 5.54
C VAL C 173 21.61 30.49 5.67
N HIS C 174 21.32 29.61 4.72
CA HIS C 174 20.24 28.65 4.84
C HIS C 174 20.74 27.27 4.41
N THR C 175 20.66 26.31 5.34
CA THR C 175 21.00 24.92 5.06
C THR C 175 19.70 24.16 4.83
N PHE C 176 19.49 23.70 3.61
CA PHE C 176 18.24 23.07 3.22
C PHE C 176 18.18 21.63 3.72
N PRO C 177 16.97 21.09 3.89
CA PRO C 177 16.85 19.68 4.26
C PRO C 177 17.47 18.76 3.21
N ALA C 178 17.74 17.53 3.65
CA ALA C 178 18.40 16.56 2.79
C ALA C 178 17.40 15.93 1.82
N VAL C 179 17.94 15.20 0.84
CA VAL C 179 17.13 14.57 -0.20
C VAL C 179 17.61 13.13 -0.38
N LEU C 180 16.69 12.17 -0.24
CA LEU C 180 17.01 10.77 -0.48
C LEU C 180 16.86 10.47 -1.97
N GLN C 181 17.97 10.15 -2.63
CA GLN C 181 17.99 10.00 -4.08
C GLN C 181 17.59 8.58 -4.49
N SER C 182 17.71 8.32 -5.80
CA SER C 182 17.49 6.97 -6.31
C SER C 182 18.43 5.97 -5.67
N SER C 183 19.60 6.42 -5.24
CA SER C 183 20.47 5.65 -4.36
C SER C 183 20.22 6.06 -2.91
N GLY C 184 20.40 5.10 -2.00
CA GLY C 184 20.07 5.31 -0.61
C GLY C 184 20.85 6.40 0.10
N LEU C 185 21.66 7.15 -0.64
CA LEU C 185 22.47 8.23 -0.09
C LEU C 185 21.69 9.54 -0.09
N TYR C 186 21.94 10.36 0.93
CA TYR C 186 21.31 11.66 1.05
C TYR C 186 22.21 12.75 0.50
N SER C 187 21.66 13.96 0.37
CA SER C 187 22.41 15.10 -0.14
C SER C 187 21.66 16.39 0.19
N LEU C 188 22.43 17.43 0.50
CA LEU C 188 21.87 18.76 0.72
C LEU C 188 22.87 19.80 0.23
N SER C 189 22.38 21.02 0.05
CA SER C 189 23.24 22.17 -0.23
C SER C 189 22.99 23.25 0.82
N SER C 190 23.86 24.26 0.81
CA SER C 190 23.72 25.39 1.70
C SER C 190 24.27 26.62 1.00
N VAL C 191 23.50 27.70 1.03
CA VAL C 191 23.83 28.93 0.31
C VAL C 191 23.80 30.09 1.29
N VAL C 192 24.62 31.10 1.00
CA VAL C 192 24.60 32.37 1.72
C VAL C 192 24.60 33.49 0.69
N THR C 193 23.86 34.56 0.99
CA THR C 193 23.76 35.71 0.09
C THR C 193 24.82 36.73 0.48
N VAL C 194 25.72 37.03 -0.45
CA VAL C 194 26.91 37.84 -0.18
C VAL C 194 26.87 39.09 -1.05
N PRO C 195 27.27 40.26 -0.52
CA PRO C 195 27.30 41.47 -1.36
C PRO C 195 28.47 41.49 -2.32
N SER C 196 28.96 42.69 -2.62
CA SER C 196 30.10 42.89 -3.54
C SER C 196 29.83 42.27 -4.90
N ILE C 205 34.68 30.22 3.50
CA ILE C 205 34.98 28.79 3.57
C ILE C 205 33.83 28.08 4.28
N CYS C 206 33.22 27.11 3.61
CA CYS C 206 32.16 26.34 4.24
C CYS C 206 32.77 25.16 4.99
N ASN C 207 32.19 24.85 6.15
CA ASN C 207 32.67 23.79 7.02
C ASN C 207 31.57 22.75 7.15
N VAL C 208 31.87 21.52 6.74
CA VAL C 208 30.90 20.44 6.72
C VAL C 208 31.34 19.37 7.71
N ASN C 209 30.35 18.69 8.32
CA ASN C 209 30.63 17.61 9.25
C ASN C 209 29.55 16.56 9.11
N HIS C 210 29.96 15.32 8.84
CA HIS C 210 29.07 14.16 8.87
C HIS C 210 29.56 13.28 10.00
N LYS C 211 28.93 13.43 11.18
CA LYS C 211 29.35 12.69 12.37
C LYS C 211 29.08 11.18 12.27
N PRO C 212 28.02 10.70 11.61
CA PRO C 212 27.86 9.25 11.50
C PRO C 212 28.97 8.56 10.72
N SER C 213 29.70 9.29 9.86
CA SER C 213 30.88 8.78 9.19
C SER C 213 32.18 9.33 9.76
N ASN C 214 32.11 10.31 10.66
CA ASN C 214 33.28 10.89 11.32
C ASN C 214 34.22 11.55 10.32
N THR C 215 33.68 12.53 9.60
CA THR C 215 34.43 13.28 8.60
C THR C 215 34.25 14.77 8.84
N LYS C 216 35.01 15.57 8.10
CA LYS C 216 34.85 17.02 8.10
C LYS C 216 35.64 17.61 6.93
N VAL C 217 34.94 18.36 6.08
CA VAL C 217 35.54 18.99 4.91
C VAL C 217 35.56 20.50 5.12
N ASP C 218 36.53 21.17 4.48
CA ASP C 218 36.60 22.61 4.44
C ASP C 218 36.87 23.04 3.01
N LYS C 219 35.93 23.77 2.41
CA LYS C 219 35.97 24.13 1.00
C LYS C 219 35.77 25.63 0.83
N LYS C 220 36.39 26.19 -0.22
CA LYS C 220 36.24 27.61 -0.53
C LYS C 220 35.92 27.80 -2.01
N VAL C 221 35.21 28.89 -2.29
CA VAL C 221 34.70 29.21 -3.62
C VAL C 221 35.54 30.31 -4.23
N GLU C 222 35.46 30.42 -5.57
CA GLU C 222 36.10 31.45 -6.36
C GLU C 222 35.17 31.84 -7.51
N PRO C 223 35.50 32.86 -8.33
CA PRO C 223 34.67 33.07 -9.51
C PRO C 223 34.81 31.94 -10.53
N SER D 1 -15.09 6.32 5.16
CA SER D 1 -15.02 4.90 5.45
C SER D 1 -13.61 4.35 5.21
N TYR D 2 -13.53 3.29 4.39
CA TYR D 2 -12.25 2.68 4.08
C TYR D 2 -11.31 3.68 3.44
N GLU D 3 -11.82 4.53 2.54
CA GLU D 3 -11.08 5.63 1.97
C GLU D 3 -11.60 6.94 2.57
N LEU D 4 -10.67 7.85 2.86
CA LEU D 4 -11.00 9.16 3.43
C LEU D 4 -10.19 10.20 2.68
N THR D 5 -10.86 10.99 1.85
CA THR D 5 -10.21 11.95 0.97
C THR D 5 -10.43 13.36 1.49
N GLN D 6 -9.33 14.09 1.67
CA GLN D 6 -9.31 15.49 2.07
C GLN D 6 -8.66 16.33 0.98
N PRO D 7 -9.12 17.56 0.78
CA PRO D 7 -8.41 18.49 -0.11
C PRO D 7 -7.02 18.76 0.42
N PRO D 8 -6.01 18.83 -0.46
CA PRO D 8 -4.63 18.90 0.03
C PRO D 8 -4.30 20.17 0.80
N SER D 9 -4.86 21.32 0.42
CA SER D 9 -4.48 22.57 1.07
C SER D 9 -5.64 23.55 1.07
N VAL D 10 -5.62 24.44 2.07
CA VAL D 10 -6.61 25.51 2.21
C VAL D 10 -5.89 26.72 2.80
N SER D 11 -6.10 27.89 2.20
CA SER D 11 -5.44 29.11 2.64
C SER D 11 -6.50 30.17 2.94
N VAL D 12 -6.50 30.67 4.18
CA VAL D 12 -7.40 31.73 4.60
C VAL D 12 -6.58 32.81 5.31
N SER D 13 -7.14 34.01 5.37
CA SER D 13 -6.51 35.17 5.97
C SER D 13 -6.86 35.25 7.46
N PRO D 14 -6.03 35.92 8.29
CA PRO D 14 -6.13 35.76 9.74
C PRO D 14 -7.40 36.35 10.35
N GLY D 15 -8.56 35.89 9.89
CA GLY D 15 -9.82 36.35 10.44
C GLY D 15 -11.01 35.64 9.84
N GLN D 16 -10.81 35.02 8.67
CA GLN D 16 -11.88 34.34 7.97
C GLN D 16 -12.15 32.97 8.57
N THR D 17 -12.78 32.09 7.80
CA THR D 17 -13.16 30.75 8.28
C THR D 17 -12.64 29.71 7.31
N ALA D 18 -11.83 28.78 7.81
CA ALA D 18 -11.35 27.65 7.03
C ALA D 18 -12.34 26.50 7.17
N SER D 19 -12.72 25.89 6.05
CA SER D 19 -13.65 24.77 6.01
C SER D 19 -12.93 23.58 5.42
N ILE D 20 -12.57 22.61 6.26
CA ILE D 20 -11.84 21.43 5.85
C ILE D 20 -12.79 20.25 5.78
N THR D 21 -12.83 19.60 4.62
CA THR D 21 -13.77 18.54 4.28
C THR D 21 -13.06 17.19 4.34
N CYS D 22 -13.84 16.12 4.55
CA CYS D 22 -13.30 14.77 4.58
C CYS D 22 -14.37 13.82 4.06
N SER D 23 -14.14 13.22 2.89
CA SER D 23 -15.15 12.42 2.20
C SER D 23 -14.88 10.94 2.39
N GLY D 24 -15.94 10.19 2.69
CA GLY D 24 -15.85 8.74 2.83
C GLY D 24 -17.20 8.12 2.61
N ASP D 25 -17.20 6.90 2.07
CA ASP D 25 -18.45 6.22 1.75
C ASP D 25 -19.27 5.98 3.01
N LYS D 26 -20.43 6.61 3.09
CA LYS D 26 -21.32 6.47 4.23
C LYS D 26 -20.59 6.83 5.52
N LEU D 27 -19.89 7.96 5.50
CA LEU D 27 -19.09 8.38 6.64
C LEU D 27 -19.96 8.88 7.79
N GLY D 28 -21.16 9.37 7.50
CA GLY D 28 -22.07 9.77 8.55
C GLY D 28 -22.45 8.63 9.49
N ASP D 29 -22.32 7.39 9.03
CA ASP D 29 -22.57 6.24 9.91
C ASP D 29 -21.58 6.15 11.05
N LYS D 30 -20.33 6.57 10.81
CA LYS D 30 -19.27 6.44 11.78
C LYS D 30 -19.07 7.72 12.58
N TYR D 31 -18.36 7.58 13.70
CA TYR D 31 -17.84 8.73 14.41
C TYR D 31 -16.63 9.27 13.67
N SER D 32 -16.58 10.59 13.50
CA SER D 32 -15.43 11.24 12.88
C SER D 32 -14.62 11.96 13.94
N PHE D 33 -13.30 11.92 13.78
CA PHE D 33 -12.37 12.57 14.69
C PHE D 33 -11.42 13.43 13.88
N TRP D 34 -11.05 14.59 14.42
CA TRP D 34 -10.15 15.53 13.76
C TRP D 34 -8.94 15.77 14.63
N PHE D 35 -7.76 15.72 14.02
CA PHE D 35 -6.49 15.94 14.71
C PHE D 35 -5.76 17.11 14.07
N GLN D 36 -5.15 17.94 14.90
CA GLN D 36 -4.37 19.09 14.46
C GLN D 36 -2.90 18.84 14.73
N GLN D 37 -2.07 19.04 13.71
CA GLN D 37 -0.62 18.87 13.84
C GLN D 37 0.08 20.12 13.33
N LYS D 38 0.56 20.95 14.25
CA LYS D 38 1.37 22.10 13.88
C LYS D 38 2.72 21.61 13.36
N PRO D 39 3.41 22.42 12.56
CA PRO D 39 4.75 22.04 12.09
C PRO D 39 5.71 21.85 13.26
N GLY D 40 6.31 20.65 13.33
CA GLY D 40 7.37 20.39 14.27
C GLY D 40 7.02 19.61 15.51
N GLN D 41 5.76 19.23 15.70
CA GLN D 41 5.38 18.52 16.92
C GLN D 41 4.27 17.52 16.62
N SER D 42 3.73 16.91 17.67
CA SER D 42 2.83 15.77 17.59
C SER D 42 1.39 16.23 17.38
N PRO D 43 0.58 15.41 16.71
CA PRO D 43 -0.84 15.75 16.53
C PRO D 43 -1.58 15.83 17.86
N VAL D 44 -2.67 16.59 17.85
CA VAL D 44 -3.52 16.77 19.02
C VAL D 44 -4.98 16.66 18.59
N LEU D 45 -5.77 15.94 19.36
CA LEU D 45 -7.20 15.83 19.10
C LEU D 45 -7.86 17.20 19.29
N VAL D 46 -8.72 17.57 18.34
CA VAL D 46 -9.45 18.83 18.45
C VAL D 46 -10.94 18.57 18.42
N ILE D 47 -11.35 17.50 17.74
CA ILE D 47 -12.77 17.16 17.59
C ILE D 47 -12.93 15.66 17.71
N TYR D 48 -13.80 15.22 18.61
CA TYR D 48 -14.20 13.83 18.72
C TYR D 48 -15.71 13.72 18.63
N HIS D 49 -16.18 12.55 18.24
CA HIS D 49 -17.62 12.27 18.11
C HIS D 49 -18.30 13.31 17.22
N ASP D 50 -17.71 13.53 16.05
CA ASP D 50 -18.24 14.41 15.00
C ASP D 50 -18.15 15.89 15.34
N SER D 51 -18.54 16.28 16.56
CA SER D 51 -18.71 17.69 16.86
C SER D 51 -18.26 18.13 18.25
N LYS D 52 -17.84 17.21 19.11
CA LYS D 52 -17.50 17.58 20.48
C LYS D 52 -16.03 18.01 20.58
N ARG D 53 -15.77 18.90 21.53
CA ARG D 53 -14.44 19.45 21.74
C ARG D 53 -13.86 18.96 23.04
N PRO D 54 -12.67 18.38 23.05
CA PRO D 54 -11.95 18.18 24.30
C PRO D 54 -11.68 19.53 24.97
N SER D 55 -11.55 19.50 26.28
CA SER D 55 -11.43 20.75 27.03
C SER D 55 -9.99 21.26 27.01
N GLY D 56 -9.86 22.58 27.05
CA GLY D 56 -8.62 23.23 26.70
C GLY D 56 -8.49 23.52 25.22
N ILE D 57 -9.60 23.53 24.49
CA ILE D 57 -9.61 23.72 23.04
C ILE D 57 -10.60 24.83 22.70
N PRO D 58 -10.19 25.86 21.97
CA PRO D 58 -11.08 27.00 21.73
C PRO D 58 -12.31 26.60 20.92
N GLU D 59 -13.40 27.32 21.15
CA GLU D 59 -14.66 27.10 20.45
C GLU D 59 -14.64 27.59 19.01
N ARG D 60 -13.49 28.06 18.51
CA ARG D 60 -13.37 28.38 17.09
C ARG D 60 -13.52 27.13 16.24
N PHE D 61 -13.20 25.97 16.79
CA PHE D 61 -13.23 24.71 16.06
C PHE D 61 -14.57 24.03 16.29
N SER D 62 -15.33 23.82 15.21
CA SER D 62 -16.58 23.09 15.27
C SER D 62 -16.57 22.01 14.20
N GLY D 63 -17.31 20.93 14.45
CA GLY D 63 -17.30 19.79 13.57
C GLY D 63 -18.70 19.39 13.14
N SER D 64 -18.78 18.79 11.96
CA SER D 64 -20.02 18.25 11.44
C SER D 64 -19.73 16.90 10.79
N ASN D 65 -20.79 16.10 10.62
CA ASN D 65 -20.68 14.79 10.00
C ASN D 65 -22.06 14.29 9.58
N SER D 66 -22.30 14.19 8.28
CA SER D 66 -23.59 13.74 7.78
C SER D 66 -23.42 13.28 6.34
N GLY D 67 -23.95 12.11 6.03
CA GLY D 67 -23.90 11.57 4.68
C GLY D 67 -22.58 10.93 4.33
N ASP D 68 -21.89 11.47 3.34
CA ASP D 68 -20.61 10.94 2.87
C ASP D 68 -19.45 11.90 3.14
N THR D 69 -19.63 12.85 4.04
CA THR D 69 -18.68 13.94 4.20
C THR D 69 -18.67 14.43 5.64
N ALA D 70 -17.48 14.76 6.15
CA ALA D 70 -17.30 15.39 7.43
C ALA D 70 -16.57 16.71 7.25
N THR D 71 -16.90 17.70 8.09
CA THR D 71 -16.38 19.04 7.94
C THR D 71 -15.89 19.57 9.28
N LEU D 72 -14.68 20.12 9.28
CA LEU D 72 -14.12 20.85 10.43
C LEU D 72 -14.00 22.31 10.04
N THR D 73 -14.67 23.17 10.79
CA THR D 73 -14.70 24.60 10.50
C THR D 73 -13.99 25.37 11.62
N ILE D 74 -13.03 26.21 11.23
CA ILE D 74 -12.33 27.09 12.14
C ILE D 74 -12.74 28.52 11.81
N SER D 75 -13.43 29.17 12.74
CA SER D 75 -13.93 30.52 12.52
C SER D 75 -13.16 31.49 13.39
N GLY D 76 -12.94 32.70 12.87
CA GLY D 76 -12.02 33.62 13.50
C GLY D 76 -10.63 33.03 13.49
N THR D 77 -10.23 32.50 12.34
CA THR D 77 -8.98 31.75 12.23
C THR D 77 -7.79 32.63 12.61
N ARG D 78 -7.11 32.24 13.68
CA ARG D 78 -6.00 33.01 14.22
C ARG D 78 -4.67 32.49 13.69
N ALA D 79 -3.60 33.19 14.05
CA ALA D 79 -2.27 32.84 13.56
C ALA D 79 -1.80 31.50 14.11
N MET D 80 -2.19 31.15 15.34
CA MET D 80 -1.78 29.89 15.94
C MET D 80 -2.51 28.69 15.36
N ASP D 81 -3.37 28.88 14.36
CA ASP D 81 -4.20 27.80 13.83
C ASP D 81 -3.59 27.11 12.61
N GLU D 82 -2.52 27.67 12.03
CA GLU D 82 -1.89 27.00 10.89
C GLU D 82 -1.32 25.66 11.31
N ALA D 83 -1.69 24.61 10.57
CA ALA D 83 -1.31 23.24 10.90
C ALA D 83 -1.82 22.33 9.80
N ASP D 84 -1.43 21.06 9.88
CA ASP D 84 -2.04 20.00 9.09
C ASP D 84 -3.18 19.40 9.89
N TYR D 85 -4.35 19.26 9.26
CA TYR D 85 -5.54 18.72 9.92
C TYR D 85 -5.93 17.41 9.25
N TYR D 86 -6.14 16.38 10.06
CA TYR D 86 -6.46 15.04 9.58
C TYR D 86 -7.78 14.59 10.18
N CYS D 87 -8.66 14.06 9.34
CA CYS D 87 -9.83 13.36 9.82
C CYS D 87 -9.48 11.90 10.10
N GLN D 88 -10.39 11.21 10.79
CA GLN D 88 -10.14 9.81 11.15
C GLN D 88 -11.46 9.14 11.49
N ALA D 89 -11.61 7.88 11.07
CA ALA D 89 -12.75 7.06 11.43
C ALA D 89 -12.29 5.62 11.59
N TRP D 90 -13.18 4.79 12.14
CA TRP D 90 -12.92 3.38 12.37
C TRP D 90 -13.68 2.55 11.35
N ASP D 91 -12.97 1.68 10.64
CA ASP D 91 -13.60 0.86 9.60
C ASP D 91 -12.85 -0.46 9.46
N SER D 92 -13.61 -1.56 9.47
CA SER D 92 -13.07 -2.90 9.25
C SER D 92 -11.94 -3.20 10.22
N SER D 93 -12.15 -2.84 11.49
CA SER D 93 -11.20 -3.11 12.58
C SER D 93 -9.88 -2.38 12.38
N THR D 94 -9.92 -1.20 11.76
CA THR D 94 -8.73 -0.37 11.58
C THR D 94 -9.09 1.09 11.77
N TYR D 95 -8.13 1.86 12.27
CA TYR D 95 -8.20 3.31 12.23
C TYR D 95 -7.72 3.79 10.86
N VAL D 96 -8.49 4.68 10.23
CA VAL D 96 -8.16 5.20 8.91
C VAL D 96 -8.05 6.72 9.02
N PHE D 97 -6.89 7.26 8.66
CA PHE D 97 -6.68 8.70 8.63
C PHE D 97 -6.97 9.24 7.24
N GLY D 98 -7.57 10.42 7.19
CA GLY D 98 -7.70 11.13 5.93
C GLY D 98 -6.34 11.54 5.37
N THR D 99 -6.33 11.86 4.08
CA THR D 99 -5.07 12.18 3.42
C THR D 99 -4.42 13.44 3.97
N GLY D 100 -5.19 14.29 4.64
CA GLY D 100 -4.60 15.44 5.30
C GLY D 100 -4.86 16.73 4.55
N THR D 101 -4.90 17.83 5.29
CA THR D 101 -5.13 19.15 4.73
C THR D 101 -4.21 20.15 5.41
N LYS D 102 -3.26 20.69 4.66
CA LYS D 102 -2.42 21.77 5.16
C LYS D 102 -3.19 23.07 5.04
N VAL D 103 -3.58 23.65 6.17
CA VAL D 103 -4.22 24.95 6.19
C VAL D 103 -3.15 25.99 6.55
N THR D 104 -3.08 27.04 5.75
CA THR D 104 -2.09 28.10 5.93
C THR D 104 -2.82 29.42 6.13
N VAL D 105 -2.51 30.11 7.21
CA VAL D 105 -3.11 31.39 7.54
C VAL D 105 -2.10 32.47 7.18
N LEU D 106 -2.44 33.28 6.19
CA LEU D 106 -1.52 34.27 5.63
C LEU D 106 -1.30 35.39 6.65
N GLY D 107 -0.14 35.36 7.31
CA GLY D 107 0.16 36.33 8.34
C GLY D 107 1.22 37.35 7.94
N GLN D 108 1.49 37.44 6.64
CA GLN D 108 2.41 38.44 6.11
C GLN D 108 2.14 38.58 4.62
N PRO D 109 2.55 39.69 4.00
CA PRO D 109 2.28 39.87 2.57
C PRO D 109 2.93 38.79 1.73
N LYS D 110 2.32 38.52 0.57
CA LYS D 110 2.87 37.55 -0.36
C LYS D 110 4.22 38.02 -0.87
N ALA D 111 5.17 37.10 -0.91
CA ALA D 111 6.54 37.39 -1.35
C ALA D 111 6.91 36.50 -2.51
N ALA D 112 7.40 37.12 -3.59
CA ALA D 112 7.87 36.38 -4.75
C ALA D 112 9.24 35.77 -4.46
N PRO D 113 9.55 34.62 -5.07
CA PRO D 113 10.81 33.94 -4.75
C PRO D 113 11.98 34.39 -5.62
N SER D 114 13.13 34.55 -4.99
CA SER D 114 14.38 34.73 -5.71
C SER D 114 14.95 33.37 -6.09
N VAL D 115 15.42 33.25 -7.32
CA VAL D 115 15.87 31.99 -7.88
C VAL D 115 17.31 32.13 -8.35
N THR D 116 18.16 31.17 -7.98
CA THR D 116 19.55 31.12 -8.39
C THR D 116 19.86 29.73 -8.90
N LEU D 117 20.15 29.61 -10.19
CA LEU D 117 20.50 28.34 -10.80
C LEU D 117 22.02 28.25 -10.91
N PHE D 118 22.60 27.24 -10.26
CA PHE D 118 24.03 27.03 -10.43
C PHE D 118 24.29 25.91 -11.41
N PRO D 119 25.22 26.10 -12.34
CA PRO D 119 25.62 25.01 -13.23
C PRO D 119 26.47 24.00 -12.49
N PRO D 120 26.70 22.82 -13.06
CA PRO D 120 27.62 21.87 -12.43
C PRO D 120 29.04 22.41 -12.40
N SER D 121 29.73 22.19 -11.28
CA SER D 121 31.09 22.68 -11.13
C SER D 121 32.05 21.89 -12.01
N SER D 122 33.19 22.52 -12.31
CA SER D 122 34.26 21.81 -13.02
C SER D 122 34.74 20.62 -12.21
N GLU D 123 34.74 20.74 -10.88
CA GLU D 123 35.15 19.63 -10.02
C GLU D 123 34.23 18.42 -10.20
N GLU D 124 32.92 18.65 -10.25
CA GLU D 124 31.98 17.55 -10.37
C GLU D 124 32.02 16.92 -11.75
N LEU D 125 32.24 17.73 -12.79
CA LEU D 125 32.32 17.19 -14.15
C LEU D 125 33.51 16.25 -14.28
N GLN D 126 34.64 16.59 -13.67
CA GLN D 126 35.79 15.70 -13.65
C GLN D 126 35.52 14.44 -12.83
N ALA D 127 34.51 14.47 -11.96
CA ALA D 127 34.04 13.28 -11.27
C ALA D 127 32.97 12.53 -12.06
N ASN D 128 32.77 12.90 -13.33
CA ASN D 128 31.83 12.22 -14.23
C ASN D 128 30.39 12.30 -13.73
N LYS D 129 30.06 13.38 -13.01
CA LYS D 129 28.69 13.66 -12.61
C LYS D 129 28.40 15.13 -12.84
N ALA D 130 27.12 15.46 -12.91
CA ALA D 130 26.68 16.83 -13.15
C ALA D 130 25.39 17.08 -12.39
N THR D 131 25.38 18.10 -11.54
CA THR D 131 24.21 18.43 -10.73
C THR D 131 23.91 19.91 -10.89
N LEU D 132 22.72 20.21 -11.39
CA LEU D 132 22.24 21.59 -11.47
C LEU D 132 21.43 21.89 -10.21
N VAL D 133 21.82 22.95 -9.50
CA VAL D 133 21.25 23.29 -8.21
C VAL D 133 20.42 24.56 -8.37
N CYS D 134 19.12 24.45 -8.11
CA CYS D 134 18.19 25.56 -8.20
C CYS D 134 17.77 25.93 -6.78
N LEU D 135 18.33 27.03 -6.27
CA LEU D 135 18.02 27.50 -4.93
C LEU D 135 16.94 28.57 -4.99
N ILE D 136 15.90 28.38 -4.20
CA ILE D 136 14.74 29.26 -4.16
C ILE D 136 14.65 29.87 -2.78
N SER D 137 14.48 31.20 -2.72
CA SER D 137 14.56 31.91 -1.45
C SER D 137 13.49 33.00 -1.36
N ASP D 138 13.11 33.32 -0.13
CA ASP D 138 12.36 34.53 0.19
C ASP D 138 10.97 34.55 -0.45
N PHE D 139 10.19 33.49 -0.21
CA PHE D 139 8.83 33.44 -0.73
C PHE D 139 7.86 33.07 0.38
N TYR D 140 6.61 33.50 0.20
CA TYR D 140 5.50 33.25 1.11
C TYR D 140 4.20 33.39 0.33
N PRO D 141 3.23 32.47 0.48
CA PRO D 141 3.18 31.28 1.34
C PRO D 141 4.24 30.23 1.00
N GLY D 142 4.43 29.27 1.92
CA GLY D 142 5.46 28.27 1.77
C GLY D 142 5.09 27.11 0.88
N ALA D 143 4.67 27.41 -0.35
CA ALA D 143 4.31 26.39 -1.32
C ALA D 143 4.80 26.83 -2.69
N VAL D 144 5.66 26.02 -3.30
CA VAL D 144 6.13 26.24 -4.66
C VAL D 144 6.06 24.92 -5.42
N THR D 145 5.87 25.03 -6.73
CA THR D 145 6.04 23.92 -7.64
C THR D 145 7.11 24.30 -8.64
N VAL D 146 7.97 23.32 -8.99
CA VAL D 146 9.16 23.58 -9.78
C VAL D 146 9.23 22.59 -10.93
N ALA D 147 9.62 23.08 -12.10
CA ALA D 147 9.77 22.23 -13.28
C ALA D 147 11.08 22.58 -13.98
N TRP D 148 11.77 21.55 -14.46
CA TRP D 148 12.99 21.71 -15.22
C TRP D 148 12.71 21.46 -16.70
N LYS D 149 13.50 22.11 -17.55
CA LYS D 149 13.43 21.88 -18.99
C LYS D 149 14.84 21.86 -19.56
N ALA D 150 15.08 20.94 -20.50
CA ALA D 150 16.40 20.78 -21.10
C ALA D 150 16.76 22.00 -21.93
N ASP D 151 16.65 21.90 -23.25
CA ASP D 151 16.73 23.08 -24.09
C ASP D 151 15.42 23.83 -23.95
N SER D 152 14.38 23.33 -24.61
CA SER D 152 13.02 23.77 -24.37
C SER D 152 12.10 22.59 -24.06
N SER D 153 12.66 21.38 -23.96
CA SER D 153 12.23 20.02 -23.66
C SER D 153 12.01 19.86 -22.17
N PRO D 154 10.86 19.34 -21.74
CA PRO D 154 10.66 19.09 -20.31
C PRO D 154 11.65 18.07 -19.76
N VAL D 155 11.91 18.17 -18.46
CA VAL D 155 12.79 17.25 -17.75
C VAL D 155 12.11 16.80 -16.47
N LYS D 156 11.99 15.49 -16.29
CA LYS D 156 11.49 14.94 -15.04
C LYS D 156 12.29 13.71 -14.60
N ALA D 157 13.42 13.43 -15.23
CA ALA D 157 14.28 12.30 -14.86
C ALA D 157 15.47 12.81 -14.08
N GLY D 158 15.61 12.33 -12.84
CA GLY D 158 16.72 12.76 -12.01
C GLY D 158 16.50 14.04 -11.25
N VAL D 159 15.24 14.40 -10.98
CA VAL D 159 14.89 15.63 -10.28
C VAL D 159 14.44 15.28 -8.88
N GLU D 160 14.95 16.02 -7.89
CA GLU D 160 14.61 15.82 -6.49
C GLU D 160 14.49 17.18 -5.82
N THR D 161 13.37 17.41 -5.13
CA THR D 161 13.02 18.73 -4.63
C THR D 161 12.65 18.65 -3.15
N THR D 162 13.25 19.53 -2.35
CA THR D 162 12.87 19.62 -0.94
C THR D 162 11.57 20.40 -0.79
N THR D 163 10.81 20.06 0.25
CA THR D 163 9.64 20.87 0.57
C THR D 163 10.09 22.14 1.29
N PRO D 164 9.37 23.25 1.08
CA PRO D 164 9.81 24.53 1.65
C PRO D 164 9.94 24.47 3.17
N SER D 165 10.86 25.29 3.69
CA SER D 165 11.05 25.42 5.12
C SER D 165 11.46 26.86 5.41
N LYS D 166 11.26 27.27 6.67
CA LYS D 166 11.41 28.67 7.03
C LYS D 166 12.87 29.10 7.03
N GLN D 167 13.11 30.33 6.60
CA GLN D 167 14.38 31.00 6.82
C GLN D 167 14.31 31.75 8.15
N SER D 168 15.37 32.48 8.48
CA SER D 168 15.37 33.24 9.72
C SER D 168 14.41 34.42 9.66
N ASN D 169 14.17 34.96 8.46
CA ASN D 169 13.27 36.09 8.28
C ASN D 169 11.81 35.66 8.10
N ASN D 170 11.47 34.44 8.51
CA ASN D 170 10.12 33.89 8.49
C ASN D 170 9.54 33.75 7.08
N LYS D 171 10.36 33.94 6.05
CA LYS D 171 9.97 33.55 4.70
C LYS D 171 10.38 32.09 4.49
N TYR D 172 10.17 31.58 3.28
CA TYR D 172 10.44 30.18 2.99
C TYR D 172 11.55 30.05 1.95
N ALA D 173 12.12 28.85 1.90
CA ALA D 173 13.19 28.53 0.96
C ALA D 173 13.05 27.08 0.52
N ALA D 174 13.49 26.79 -0.69
CA ALA D 174 13.35 25.46 -1.27
C ALA D 174 14.57 25.14 -2.12
N SER D 175 14.73 23.84 -2.41
CA SER D 175 15.83 23.32 -3.20
C SER D 175 15.29 22.38 -4.27
N SER D 176 16.04 22.28 -5.37
CA SER D 176 15.75 21.26 -6.37
C SER D 176 17.02 20.98 -7.17
N TYR D 177 17.37 19.71 -7.31
CA TYR D 177 18.61 19.28 -7.95
C TYR D 177 18.27 18.44 -9.16
N LEU D 178 18.78 18.85 -10.32
CA LEU D 178 18.67 18.06 -11.54
C LEU D 178 19.99 17.30 -11.72
N SER D 179 19.94 15.99 -11.54
CA SER D 179 21.11 15.13 -11.70
C SER D 179 21.09 14.51 -13.09
N LEU D 180 22.17 14.68 -13.84
CA LEU D 180 22.26 14.18 -15.20
C LEU D 180 23.72 13.84 -15.52
N THR D 181 23.90 13.10 -16.61
CA THR D 181 25.22 12.72 -17.10
C THR D 181 25.95 13.93 -17.65
N PRO D 182 27.29 13.96 -17.58
CA PRO D 182 28.03 15.07 -18.19
C PRO D 182 27.72 15.25 -19.67
N GLU D 183 27.42 14.18 -20.40
CA GLU D 183 27.12 14.31 -21.83
C GLU D 183 25.73 14.90 -22.05
N GLN D 184 24.75 14.52 -21.22
CA GLN D 184 23.46 15.20 -21.24
C GLN D 184 23.62 16.68 -20.95
N TRP D 185 24.61 17.05 -20.12
CA TRP D 185 24.85 18.45 -19.80
C TRP D 185 25.29 19.22 -21.03
N LYS D 186 26.13 18.61 -21.87
CA LYS D 186 26.57 19.22 -23.11
C LYS D 186 25.67 18.88 -24.29
N SER D 187 24.74 17.94 -24.13
CA SER D 187 23.80 17.57 -25.19
C SER D 187 22.76 18.64 -25.44
N HIS D 188 22.85 19.79 -24.77
CA HIS D 188 21.95 20.90 -24.97
C HIS D 188 22.74 22.20 -24.92
N ARG D 189 22.07 23.29 -25.24
CA ARG D 189 22.68 24.62 -25.18
C ARG D 189 22.34 25.37 -23.89
N SER D 190 21.24 25.03 -23.25
CA SER D 190 20.83 25.71 -22.02
C SER D 190 20.10 24.72 -21.13
N TYR D 191 19.72 25.19 -19.93
CA TYR D 191 18.93 24.42 -18.98
C TYR D 191 18.21 25.41 -18.09
N SER D 192 16.93 25.19 -17.84
CA SER D 192 16.10 26.17 -17.16
C SER D 192 15.40 25.56 -15.95
N CYS D 193 15.37 26.33 -14.86
CA CYS D 193 14.61 25.97 -13.66
C CYS D 193 13.44 26.96 -13.54
N GLN D 194 12.23 26.45 -13.72
CA GLN D 194 11.03 27.28 -13.70
C GLN D 194 10.29 27.06 -12.40
N VAL D 195 10.17 28.12 -11.60
CA VAL D 195 9.58 28.06 -10.27
C VAL D 195 8.26 28.82 -10.30
N THR D 196 7.16 28.12 -10.04
CA THR D 196 5.83 28.72 -9.99
C THR D 196 5.40 28.83 -8.53
N HIS D 197 4.95 30.02 -8.14
CA HIS D 197 4.59 30.31 -6.75
C HIS D 197 3.31 31.12 -6.74
N GLU D 198 2.23 30.53 -6.22
CA GLU D 198 0.93 31.20 -6.08
C GLU D 198 0.40 31.69 -7.42
N GLY D 199 0.61 30.89 -8.47
CA GLY D 199 0.11 31.24 -9.78
C GLY D 199 0.99 32.17 -10.58
N SER D 200 2.25 32.33 -10.20
CA SER D 200 3.20 33.16 -10.92
C SER D 200 4.52 32.43 -11.02
N THR D 201 5.12 32.45 -12.20
CA THR D 201 6.27 31.61 -12.52
C THR D 201 7.51 32.46 -12.75
N VAL D 202 8.59 32.13 -12.06
CA VAL D 202 9.91 32.75 -12.24
C VAL D 202 10.84 31.70 -12.83
N GLU D 203 11.74 32.13 -13.72
CA GLU D 203 12.58 31.21 -14.46
C GLU D 203 14.02 31.73 -14.52
N LYS D 204 14.97 30.80 -14.41
CA LYS D 204 16.38 31.08 -14.62
C LYS D 204 16.96 30.06 -15.60
N THR D 205 17.99 30.47 -16.34
CA THR D 205 18.63 29.60 -17.33
C THR D 205 20.14 29.69 -17.20
N VAL D 206 20.81 28.56 -17.41
CA VAL D 206 22.27 28.49 -17.43
C VAL D 206 22.70 27.68 -18.64
N ALA D 207 23.93 27.96 -19.12
CA ALA D 207 24.47 27.34 -20.32
C ALA D 207 25.91 26.93 -20.09
N PRO D 208 26.33 25.76 -20.60
CA PRO D 208 27.73 25.32 -20.51
C PRO D 208 28.67 26.19 -21.33
N THR E 7 -11.01 -2.81 36.40
CA THR E 7 -10.43 -2.47 35.11
C THR E 7 -10.96 -1.13 34.59
N ALA E 8 -11.56 -1.15 33.40
CA ALA E 8 -12.04 0.08 32.78
C ALA E 8 -13.29 0.62 33.45
N LEU E 9 -14.08 -0.23 34.11
CA LEU E 9 -15.33 0.22 34.69
C LEU E 9 -15.10 1.20 35.84
N LYS E 10 -13.98 1.08 36.56
CA LYS E 10 -13.71 2.00 37.66
C LYS E 10 -13.50 3.42 37.13
N GLU E 11 -12.80 3.56 36.00
CA GLU E 11 -12.59 4.88 35.42
C GLU E 11 -13.90 5.61 35.20
N LEU E 12 -14.90 4.91 34.65
CA LEU E 12 -16.23 5.50 34.49
C LEU E 12 -16.88 5.76 35.85
N ILE E 13 -16.66 4.85 36.80
CA ILE E 13 -17.25 5.02 38.14
C ILE E 13 -16.65 6.24 38.83
N GLU E 14 -15.33 6.42 38.72
CA GLU E 14 -14.69 7.59 39.33
C GLU E 14 -15.28 8.89 38.80
N GLU E 15 -15.47 8.98 37.48
CA GLU E 15 -16.02 10.19 36.90
C GLU E 15 -17.45 10.43 37.34
N LEU E 16 -18.23 9.36 37.51
CA LEU E 16 -19.59 9.51 38.03
C LEU E 16 -19.57 10.06 39.44
N VAL E 17 -18.66 9.55 40.29
CA VAL E 17 -18.57 10.03 41.66
C VAL E 17 -18.14 11.49 41.70
N ASN E 18 -17.24 11.88 40.79
CA ASN E 18 -16.67 13.22 40.84
C ASN E 18 -17.68 14.30 40.52
N ILE E 19 -18.68 14.00 39.68
CA ILE E 19 -19.67 15.00 39.27
C ILE E 19 -20.97 14.91 40.05
N THR E 20 -21.20 13.81 40.78
CA THR E 20 -22.32 13.72 41.72
C THR E 20 -21.98 14.34 43.06
N GLN E 21 -20.77 14.87 43.19
CA GLN E 21 -20.39 15.69 44.33
C GLN E 21 -21.51 16.66 44.67
N ASN E 22 -21.81 16.78 45.97
CA ASN E 22 -22.70 17.83 46.47
C ASN E 22 -21.94 19.12 46.68
N GLN E 23 -20.68 18.98 47.08
CA GLN E 23 -19.71 20.05 47.14
C GLN E 23 -19.88 21.02 45.98
N PRO E 26 -26.52 21.13 41.48
CA PRO E 26 -27.19 20.00 40.81
C PRO E 26 -26.68 19.73 39.40
N LEU E 27 -26.54 18.46 39.07
CA LEU E 27 -26.01 18.05 37.77
C LEU E 27 -26.96 18.46 36.65
N CYS E 28 -26.46 19.25 35.70
CA CYS E 28 -27.25 19.77 34.58
C CYS E 28 -28.58 20.33 35.05
N ASN E 29 -28.55 21.56 35.59
CA ASN E 29 -29.72 22.19 36.20
C ASN E 29 -30.94 22.08 35.30
N GLY E 30 -32.03 21.56 35.86
CA GLY E 30 -33.33 21.57 35.21
C GLY E 30 -33.51 20.60 34.07
N SER E 31 -32.46 19.86 33.69
CA SER E 31 -32.54 18.95 32.55
C SER E 31 -33.14 17.61 32.99
N MET E 32 -34.03 17.08 32.17
CA MET E 32 -34.71 15.83 32.44
C MET E 32 -34.38 14.80 31.37
N VAL E 33 -34.29 13.53 31.78
CA VAL E 33 -33.91 12.44 30.90
C VAL E 33 -34.83 11.24 31.12
N TRP E 34 -34.90 10.40 30.11
CA TRP E 34 -35.68 9.16 30.21
C TRP E 34 -35.09 8.25 31.27
N SER E 35 -35.92 7.85 32.22
CA SER E 35 -35.51 6.82 33.18
C SER E 35 -35.31 5.50 32.44
N ILE E 36 -34.28 4.76 32.85
CA ILE E 36 -33.99 3.47 32.22
C ILE E 36 -33.97 2.38 33.29
N ASN E 37 -34.38 1.18 32.89
CA ASN E 37 -34.19 0.00 33.71
C ASN E 37 -32.75 -0.43 33.57
N LEU E 38 -31.98 -0.33 34.66
CA LEU E 38 -30.56 -0.68 34.61
C LEU E 38 -30.45 -2.20 34.55
N THR E 39 -30.72 -2.73 33.35
CA THR E 39 -30.81 -4.15 33.08
C THR E 39 -29.46 -4.75 32.70
N ALA E 40 -29.30 -5.04 31.41
CA ALA E 40 -28.04 -5.53 30.87
C ALA E 40 -27.42 -4.46 29.94
N GLY E 41 -28.09 -4.12 28.85
CA GLY E 41 -27.60 -3.09 27.95
C GLY E 41 -27.76 -1.70 28.52
N VAL E 42 -27.15 -1.46 29.68
CA VAL E 42 -27.32 -0.19 30.38
C VAL E 42 -26.50 0.92 29.74
N TYR E 43 -25.32 0.59 29.20
CA TYR E 43 -24.42 1.63 28.69
C TYR E 43 -25.04 2.36 27.51
N CYS E 44 -25.53 1.62 26.51
CA CYS E 44 -26.15 2.26 25.35
C CYS E 44 -27.43 2.99 25.75
N ALA E 45 -28.20 2.42 26.67
CA ALA E 45 -29.43 3.08 27.11
C ALA E 45 -29.14 4.37 27.86
N ALA E 46 -28.09 4.37 28.70
CA ALA E 46 -27.72 5.58 29.40
C ALA E 46 -27.24 6.65 28.43
N LEU E 47 -26.52 6.24 27.39
CA LEU E 47 -26.08 7.18 26.37
C LEU E 47 -27.27 7.76 25.60
N GLU E 48 -28.25 6.91 25.28
CA GLU E 48 -29.42 7.38 24.54
C GLU E 48 -30.27 8.34 25.35
N SER E 49 -30.23 8.20 26.69
CA SER E 49 -30.96 9.15 27.54
C SER E 49 -30.17 10.44 27.72
N LEU E 50 -28.85 10.34 27.86
CA LEU E 50 -28.01 11.49 28.14
C LEU E 50 -27.71 12.33 26.91
N ILE E 51 -27.85 11.76 25.71
CA ILE E 51 -27.57 12.51 24.49
C ILE E 51 -28.56 13.64 24.25
N ASN E 52 -29.68 13.65 24.97
CA ASN E 52 -30.69 14.69 24.79
C ASN E 52 -30.40 15.95 25.60
N VAL E 53 -29.52 15.86 26.60
CA VAL E 53 -29.24 17.01 27.46
C VAL E 53 -28.35 18.00 26.73
N SER E 54 -28.69 19.28 26.83
CA SER E 54 -27.94 20.36 26.20
C SER E 54 -27.33 21.25 27.27
N GLY E 55 -26.25 21.93 26.89
CA GLY E 55 -25.58 22.89 27.74
C GLY E 55 -25.23 22.38 29.12
N CYS E 56 -24.30 21.42 29.19
CA CYS E 56 -23.88 20.87 30.47
C CYS E 56 -22.50 20.22 30.26
N SER E 57 -21.45 20.96 30.59
CA SER E 57 -20.09 20.49 30.35
C SER E 57 -19.67 19.39 31.33
N ALA E 58 -20.37 19.24 32.46
CA ALA E 58 -19.94 18.29 33.47
C ALA E 58 -20.14 16.84 33.03
N ILE E 59 -21.12 16.59 32.17
CA ILE E 59 -21.43 15.23 31.73
C ILE E 59 -20.75 14.86 30.43
N GLU E 60 -19.96 15.76 29.84
CA GLU E 60 -19.33 15.48 28.55
C GLU E 60 -18.30 14.36 28.66
N LYS E 61 -17.49 14.38 29.72
CA LYS E 61 -16.54 13.30 29.93
C LYS E 61 -17.24 11.97 30.18
N THR E 62 -18.38 12.00 30.87
CA THR E 62 -19.16 10.79 31.09
C THR E 62 -19.70 10.22 29.79
N GLN E 63 -20.20 11.10 28.91
CA GLN E 63 -20.78 10.63 27.65
C GLN E 63 -19.73 9.98 26.75
N ARG E 64 -18.54 10.57 26.68
CA ARG E 64 -17.50 9.94 25.88
C ARG E 64 -17.06 8.62 26.48
N MET E 65 -16.92 8.57 27.81
CA MET E 65 -16.57 7.32 28.48
C MET E 65 -17.62 6.25 28.22
N LEU E 66 -18.91 6.62 28.29
CA LEU E 66 -19.98 5.66 28.09
C LEU E 66 -19.94 5.06 26.70
N ASN E 67 -19.56 5.85 25.69
CA ASN E 67 -19.47 5.33 24.33
C ASN E 67 -18.41 4.27 24.18
N GLY E 68 -17.40 4.25 25.05
CA GLY E 68 -16.44 3.17 25.04
C GLY E 68 -17.04 1.82 25.42
N PHE E 69 -18.23 1.82 26.02
CA PHE E 69 -18.92 0.61 26.40
C PHE E 69 -20.15 0.33 25.53
N CYS E 70 -20.37 1.11 24.48
CA CYS E 70 -21.49 0.92 23.59
C CYS E 70 -20.99 0.70 22.16
N PRO E 71 -21.45 -0.34 21.47
CA PRO E 71 -20.84 -0.73 20.19
C PRO E 71 -21.27 0.08 18.98
N HIS E 72 -22.06 1.14 19.13
CA HIS E 72 -22.54 1.87 17.97
C HIS E 72 -22.60 3.36 18.27
N LYS E 73 -22.74 4.13 17.19
CA LYS E 73 -22.88 5.58 17.27
C LYS E 73 -24.31 5.93 17.72
N VAL E 74 -24.40 6.87 18.67
CA VAL E 74 -25.66 7.26 19.28
C VAL E 74 -26.01 8.67 18.85
N SER E 75 -27.19 8.84 18.26
CA SER E 75 -27.65 10.15 17.82
C SER E 75 -28.88 10.60 18.61
N VAL E 84 -38.40 0.86 27.14
CA VAL E 84 -39.66 1.57 27.26
C VAL E 84 -39.42 2.93 27.92
N ARG E 85 -39.96 3.98 27.31
CA ARG E 85 -39.79 5.35 27.80
C ARG E 85 -41.04 5.74 28.58
N ASP E 86 -41.02 5.49 29.89
CA ASP E 86 -42.12 5.85 30.77
C ASP E 86 -41.88 7.21 31.43
N THR E 87 -40.76 7.33 32.14
CA THR E 87 -40.55 8.42 33.09
C THR E 87 -39.43 9.34 32.61
N LYS E 88 -39.58 10.63 32.93
CA LYS E 88 -38.50 11.59 32.85
C LYS E 88 -38.08 11.98 34.27
N ILE E 89 -36.77 12.00 34.50
CA ILE E 89 -36.22 12.27 35.81
C ILE E 89 -35.10 13.29 35.68
N GLU E 90 -34.76 13.92 36.79
CA GLU E 90 -33.55 14.74 36.83
C GLU E 90 -32.35 13.87 36.49
N VAL E 91 -31.42 14.44 35.71
CA VAL E 91 -30.27 13.64 35.31
C VAL E 91 -29.34 13.41 36.48
N ALA E 92 -29.31 14.34 37.45
CA ALA E 92 -28.57 14.09 38.69
C ALA E 92 -29.05 12.80 39.35
N GLN E 93 -30.38 12.61 39.40
CA GLN E 93 -30.93 11.35 39.90
C GLN E 93 -30.62 10.20 38.95
N PHE E 94 -30.59 10.48 37.64
CA PHE E 94 -30.25 9.43 36.67
C PHE E 94 -28.82 8.94 36.88
N VAL E 95 -27.88 9.87 37.07
CA VAL E 95 -26.47 9.49 37.21
C VAL E 95 -26.23 8.73 38.51
N LYS E 96 -26.83 9.20 39.62
CA LYS E 96 -26.65 8.51 40.89
C LYS E 96 -27.21 7.10 40.84
N ASP E 97 -28.38 6.92 40.22
CA ASP E 97 -28.92 5.58 40.07
C ASP E 97 -28.04 4.72 39.17
N LEU E 98 -27.45 5.33 38.14
CA LEU E 98 -26.50 4.60 37.30
C LEU E 98 -25.26 4.21 38.08
N LEU E 99 -24.74 5.13 38.91
CA LEU E 99 -23.52 4.85 39.66
C LEU E 99 -23.72 3.67 40.61
N VAL E 100 -24.85 3.63 41.31
CA VAL E 100 -25.11 2.54 42.25
C VAL E 100 -25.11 1.20 41.52
N HIS E 101 -25.73 1.16 40.34
CA HIS E 101 -25.77 -0.08 39.57
C HIS E 101 -24.39 -0.45 39.03
N LEU E 102 -23.58 0.55 38.67
CA LEU E 102 -22.25 0.25 38.12
C LEU E 102 -21.31 -0.26 39.19
N LYS E 103 -21.32 0.35 40.37
CA LYS E 103 -20.49 -0.15 41.46
C LYS E 103 -20.90 -1.56 41.86
N LYS E 104 -22.18 -1.90 41.72
CA LYS E 104 -22.63 -3.27 41.97
C LYS E 104 -21.95 -4.23 41.00
N LEU E 105 -21.94 -3.90 39.71
CA LEU E 105 -21.34 -4.78 38.72
C LEU E 105 -19.83 -4.87 38.90
N PHE E 106 -19.19 -3.76 39.30
CA PHE E 106 -17.74 -3.75 39.40
C PHE E 106 -17.24 -4.63 40.54
N ARG E 107 -17.95 -4.63 41.67
CA ARG E 107 -17.51 -5.46 42.79
C ARG E 107 -17.97 -6.91 42.63
N GLU E 108 -19.06 -7.15 41.89
CA GLU E 108 -19.47 -8.51 41.56
C GLU E 108 -19.05 -8.86 40.14
N THR F 7 13.96 7.39 -29.48
CA THR F 7 13.26 7.33 -28.20
C THR F 7 13.80 6.18 -27.35
N ALA F 8 13.56 4.95 -27.81
CA ALA F 8 14.09 3.79 -27.11
C ALA F 8 15.56 3.56 -27.42
N LEU F 9 16.03 4.00 -28.59
CA LEU F 9 17.42 3.79 -28.95
C LEU F 9 18.36 4.60 -28.07
N LYS F 10 17.97 5.82 -27.71
CA LYS F 10 18.81 6.65 -26.84
C LYS F 10 18.93 6.04 -25.45
N GLU F 11 17.92 5.29 -25.01
CA GLU F 11 18.06 4.49 -23.79
C GLU F 11 19.19 3.48 -23.94
N LEU F 12 19.23 2.78 -25.08
CA LEU F 12 20.33 1.88 -25.36
C LEU F 12 21.65 2.65 -25.47
N ILE F 13 21.61 3.82 -26.11
CA ILE F 13 22.83 4.61 -26.31
C ILE F 13 23.43 5.03 -24.97
N GLU F 14 22.59 5.62 -24.10
CA GLU F 14 23.09 6.12 -22.82
C GLU F 14 23.42 5.00 -21.85
N GLU F 15 22.88 3.80 -22.07
CA GLU F 15 23.38 2.64 -21.32
C GLU F 15 24.79 2.27 -21.76
N LEU F 16 25.02 2.26 -23.07
CA LEU F 16 26.39 2.09 -23.57
C LEU F 16 27.30 3.17 -22.98
N VAL F 17 26.91 4.44 -23.12
CA VAL F 17 27.73 5.54 -22.61
C VAL F 17 28.02 5.34 -21.12
N ASN F 18 27.03 4.88 -20.36
CA ASN F 18 27.20 4.76 -18.91
C ASN F 18 28.31 3.75 -18.58
N ILE F 19 28.30 2.59 -19.25
CA ILE F 19 29.35 1.61 -18.99
C ILE F 19 30.66 1.93 -19.70
N THR F 20 30.67 2.89 -20.63
CA THR F 20 31.90 3.36 -21.26
C THR F 20 32.61 4.43 -20.46
N GLN F 21 32.41 4.49 -19.14
CA GLN F 21 32.80 5.69 -18.41
C GLN F 21 34.26 5.64 -17.98
N ASN F 22 34.83 6.83 -17.79
CA ASN F 22 36.23 6.99 -17.42
C ASN F 22 36.44 6.55 -15.98
N GLN F 23 37.72 6.39 -15.59
CA GLN F 23 38.12 5.22 -14.80
C GLN F 23 37.04 4.43 -14.12
N LYS F 24 36.53 3.46 -14.83
CA LYS F 24 36.10 2.22 -14.24
C LYS F 24 37.03 1.14 -14.76
N ALA F 25 37.06 0.00 -14.09
CA ALA F 25 37.85 -1.11 -14.57
C ALA F 25 37.44 -1.45 -16.00
N PRO F 26 38.38 -1.91 -16.84
CA PRO F 26 38.03 -2.25 -18.22
C PRO F 26 36.83 -3.19 -18.29
N LEU F 27 35.93 -2.88 -19.21
CA LEU F 27 34.65 -3.57 -19.31
C LEU F 27 34.84 -5.07 -19.47
N CYS F 28 34.31 -5.83 -18.51
CA CYS F 28 34.33 -7.30 -18.55
C CYS F 28 35.75 -7.84 -18.64
N ASN F 29 36.59 -7.40 -17.69
CA ASN F 29 37.96 -7.88 -17.54
C ASN F 29 38.68 -7.74 -18.89
N GLY F 30 39.33 -8.78 -19.40
CA GLY F 30 39.93 -8.76 -20.72
C GLY F 30 39.28 -9.76 -21.65
N SER F 31 38.02 -10.09 -21.38
CA SER F 31 37.25 -10.90 -22.31
C SER F 31 37.16 -10.19 -23.65
N MET F 32 37.24 -10.97 -24.73
CA MET F 32 37.24 -10.40 -26.07
C MET F 32 36.28 -11.16 -26.96
N VAL F 33 35.63 -10.42 -27.87
CA VAL F 33 34.56 -10.95 -28.70
C VAL F 33 34.91 -10.68 -30.17
N TRP F 34 34.10 -11.25 -31.05
CA TRP F 34 34.29 -11.05 -32.49
C TRP F 34 33.73 -9.70 -32.91
N SER F 35 34.52 -8.94 -33.66
CA SER F 35 34.05 -7.71 -34.24
C SER F 35 32.94 -8.00 -35.25
N ILE F 36 32.23 -6.95 -35.66
CA ILE F 36 31.18 -7.07 -36.66
C ILE F 36 31.11 -5.79 -37.47
N ASN F 37 30.65 -5.94 -38.72
CA ASN F 37 30.46 -4.79 -39.60
C ASN F 37 29.27 -3.98 -39.13
N LEU F 38 29.50 -2.70 -38.83
CA LEU F 38 28.44 -1.80 -38.37
C LEU F 38 27.61 -1.37 -39.59
N THR F 39 26.87 -2.34 -40.13
CA THR F 39 26.08 -2.15 -41.34
C THR F 39 24.59 -2.26 -41.04
N ALA F 40 23.95 -3.29 -41.56
CA ALA F 40 22.58 -3.64 -41.23
C ALA F 40 22.57 -4.94 -40.45
N GLY F 41 21.54 -5.12 -39.62
CA GLY F 41 21.51 -6.25 -38.73
C GLY F 41 22.53 -6.17 -37.62
N VAL F 42 22.93 -4.95 -37.25
CA VAL F 42 23.98 -4.76 -36.25
C VAL F 42 23.50 -5.21 -34.87
N TYR F 43 22.22 -5.04 -34.57
CA TYR F 43 21.70 -5.40 -33.25
C TYR F 43 21.81 -6.90 -33.00
N CYS F 44 21.32 -7.70 -33.95
CA CYS F 44 21.40 -9.15 -33.82
C CYS F 44 22.85 -9.62 -33.78
N ALA F 45 23.70 -8.98 -34.56
CA ALA F 45 25.11 -9.37 -34.60
C ALA F 45 25.81 -9.03 -33.30
N ALA F 46 25.54 -7.86 -32.74
CA ALA F 46 26.15 -7.50 -31.46
C ALA F 46 25.73 -8.45 -30.35
N LEU F 47 24.47 -8.89 -30.39
CA LEU F 47 23.98 -9.82 -29.38
C LEU F 47 24.67 -11.18 -29.50
N GLU F 48 24.83 -11.66 -30.73
CA GLU F 48 25.43 -12.97 -30.93
C GLU F 48 26.91 -12.97 -30.60
N SER F 49 27.59 -11.84 -30.74
CA SER F 49 28.99 -11.75 -30.36
C SER F 49 29.18 -11.52 -28.87
N LEU F 50 28.19 -10.94 -28.20
CA LEU F 50 28.24 -10.73 -26.76
C LEU F 50 27.56 -11.83 -25.97
N ILE F 51 27.07 -12.88 -26.65
CA ILE F 51 26.24 -13.87 -25.98
C ILE F 51 27.06 -14.73 -25.03
N ASN F 52 28.32 -15.00 -25.38
CA ASN F 52 29.15 -15.94 -24.63
C ASN F 52 30.10 -15.24 -23.67
N VAL F 53 29.87 -13.96 -23.37
CA VAL F 53 30.66 -13.28 -22.36
C VAL F 53 30.29 -13.84 -20.98
N SER F 54 31.31 -14.19 -20.21
CA SER F 54 31.11 -14.86 -18.93
C SER F 54 31.46 -13.94 -17.77
N GLY F 55 30.63 -13.95 -16.74
CA GLY F 55 30.91 -13.24 -15.50
C GLY F 55 31.13 -11.76 -15.65
N CYS F 56 30.08 -11.02 -16.05
CA CYS F 56 30.18 -9.57 -16.21
C CYS F 56 28.76 -9.01 -16.13
N SER F 57 28.40 -8.48 -14.96
CA SER F 57 27.08 -7.90 -14.76
C SER F 57 26.95 -6.51 -15.38
N ALA F 58 28.06 -5.87 -15.76
CA ALA F 58 28.00 -4.54 -16.34
C ALA F 58 27.38 -4.52 -17.73
N ILE F 59 27.29 -5.69 -18.39
CA ILE F 59 26.74 -5.78 -19.74
C ILE F 59 25.37 -6.44 -19.74
N GLU F 60 24.80 -6.74 -18.57
CA GLU F 60 23.55 -7.48 -18.53
C GLU F 60 22.38 -6.62 -19.01
N LYS F 61 22.28 -5.39 -18.51
CA LYS F 61 21.26 -4.47 -19.02
C LYS F 61 21.45 -4.22 -20.50
N THR F 62 22.71 -4.09 -20.94
CA THR F 62 23.01 -3.94 -22.36
C THR F 62 22.47 -5.13 -23.15
N GLN F 63 22.76 -6.34 -22.69
CA GLN F 63 22.35 -7.54 -23.43
C GLN F 63 20.84 -7.67 -23.48
N ARG F 64 20.15 -7.38 -22.37
CA ARG F 64 18.70 -7.46 -22.38
C ARG F 64 18.09 -6.40 -23.30
N MET F 65 18.67 -5.19 -23.31
CA MET F 65 18.16 -4.14 -24.17
C MET F 65 18.29 -4.52 -25.65
N LEU F 66 19.45 -5.06 -26.04
CA LEU F 66 19.66 -5.46 -27.43
C LEU F 66 18.67 -6.52 -27.87
N ASN F 67 18.19 -7.35 -26.94
CA ASN F 67 17.21 -8.37 -27.28
C ASN F 67 15.92 -7.76 -27.80
N GLY F 68 15.55 -6.58 -27.31
CA GLY F 68 14.39 -5.89 -27.84
C GLY F 68 14.56 -5.36 -29.25
N PHE F 69 15.77 -5.42 -29.80
CA PHE F 69 16.07 -4.90 -31.13
C PHE F 69 16.33 -6.00 -32.16
N CYS F 70 16.21 -7.27 -31.79
CA CYS F 70 16.44 -8.37 -32.71
C CYS F 70 15.21 -9.26 -32.77
N PRO F 71 14.68 -9.53 -33.97
CA PRO F 71 13.38 -10.21 -34.07
C PRO F 71 13.38 -11.67 -33.64
N HIS F 72 14.54 -12.30 -33.47
CA HIS F 72 14.61 -13.72 -33.17
C HIS F 72 15.45 -13.97 -31.93
N LYS F 73 15.30 -15.17 -31.37
CA LYS F 73 16.06 -15.58 -30.22
C LYS F 73 17.48 -15.97 -30.63
N VAL F 74 18.47 -15.50 -29.88
CA VAL F 74 19.86 -15.89 -30.07
C VAL F 74 20.36 -16.50 -28.78
N SER F 75 21.21 -17.51 -28.90
CA SER F 75 21.76 -18.22 -27.74
C SER F 75 22.94 -19.10 -28.14
N VAL F 84 30.64 -13.57 -39.28
CA VAL F 84 31.97 -13.36 -39.84
C VAL F 84 32.96 -13.11 -38.69
N ARG F 85 34.04 -13.88 -38.67
CA ARG F 85 35.01 -13.87 -37.58
C ARG F 85 36.39 -13.55 -38.15
N ASP F 86 36.67 -12.25 -38.30
CA ASP F 86 37.94 -11.78 -38.83
C ASP F 86 38.87 -11.25 -37.75
N THR F 87 38.36 -10.39 -36.86
CA THR F 87 39.16 -9.74 -35.84
C THR F 87 38.44 -9.84 -34.50
N LYS F 88 39.15 -10.30 -33.47
CA LYS F 88 38.61 -10.41 -32.13
C LYS F 88 39.07 -9.21 -31.31
N ILE F 89 38.11 -8.50 -30.70
CA ILE F 89 38.38 -7.22 -30.05
C ILE F 89 37.91 -7.27 -28.60
N GLU F 90 38.52 -6.43 -27.78
CA GLU F 90 38.10 -6.31 -26.39
C GLU F 90 36.68 -5.75 -26.33
N VAL F 91 35.90 -6.24 -25.35
CA VAL F 91 34.50 -5.83 -25.25
C VAL F 91 34.40 -4.34 -24.99
N ALA F 92 35.33 -3.79 -24.20
CA ALA F 92 35.34 -2.34 -23.98
C ALA F 92 35.44 -1.58 -25.29
N GLN F 93 36.23 -2.10 -26.24
CA GLN F 93 36.33 -1.50 -27.56
C GLN F 93 35.15 -1.88 -28.45
N PHE F 94 34.60 -3.09 -28.26
CA PHE F 94 33.42 -3.49 -29.03
C PHE F 94 32.22 -2.58 -28.74
N VAL F 95 31.99 -2.28 -27.46
CA VAL F 95 30.86 -1.42 -27.11
C VAL F 95 31.13 0.01 -27.56
N LYS F 96 32.39 0.46 -27.47
CA LYS F 96 32.74 1.79 -27.97
C LYS F 96 32.45 1.90 -29.46
N ASP F 97 32.77 0.86 -30.23
CA ASP F 97 32.54 0.90 -31.67
C ASP F 97 31.04 0.95 -31.98
N LEU F 98 30.27 0.06 -31.36
CA LEU F 98 28.82 0.03 -31.59
C LEU F 98 28.17 1.34 -31.15
N LEU F 99 28.69 1.97 -30.09
CA LEU F 99 28.09 3.19 -29.57
C LEU F 99 28.18 4.32 -30.59
N VAL F 100 29.31 4.45 -31.28
CA VAL F 100 29.44 5.50 -32.29
C VAL F 100 28.52 5.23 -33.47
N HIS F 101 28.29 3.95 -33.80
CA HIS F 101 27.40 3.62 -34.91
C HIS F 101 25.94 3.97 -34.56
N LEU F 102 25.53 3.70 -33.32
CA LEU F 102 24.14 3.93 -32.94
C LEU F 102 23.83 5.43 -32.85
N LYS F 103 24.78 6.22 -32.37
CA LYS F 103 24.59 7.67 -32.35
C LYS F 103 24.44 8.22 -33.76
N LYS F 104 25.11 7.61 -34.74
CA LYS F 104 25.01 8.08 -36.12
C LYS F 104 23.64 7.78 -36.71
N LEU F 105 23.11 6.59 -36.44
CA LEU F 105 21.76 6.27 -36.93
C LEU F 105 20.71 7.13 -36.26
N PHE F 106 20.93 7.54 -35.01
CA PHE F 106 20.12 8.58 -34.42
C PHE F 106 20.54 9.92 -35.00
N ARG F 107 20.33 10.08 -36.30
CA ARG F 107 20.74 11.24 -37.06
C ARG F 107 20.27 12.56 -36.45
#